data_9OF1
#
_entry.id   9OF1
#
_cell.length_a   1.00
_cell.length_b   1.00
_cell.length_c   1.00
_cell.angle_alpha   90.00
_cell.angle_beta   90.00
_cell.angle_gamma   90.00
#
_symmetry.space_group_name_H-M   'P 1'
#
loop_
_entity.id
_entity.type
_entity.pdbx_description
1 polymer 'CRISPR-associated ring nuclease and adenosine deaminase, subunit A'
2 non-polymer 'ZINC ION'
#
_entity_poly.entity_id   1
_entity_poly.type   'polypeptide(L)'
_entity_poly.pdbx_seq_one_letter_code
;MRILLCSVGTSWAVVPEAMQLLGSQGFDEVHVLTTASSKISPGVEQLLRYFEMHPGPRFSISRVQDFEDLRSEQDHMLFE
EVLWRWLLQRAPQAAHRYICLAGGYKTISAAMQRAAALFGACEVFHVLCEPRFGPQGNREASTLEEVEQAIATNALRFVR
LGPEPGWPQLRLLSAPSFPLESTLQGPVHWVRASDMRLRQHVEGVLERSRHILAAWEGISELPIPALAAWPPSHLRWLHE
PLDPVQDKAWVQALPKVELHCHLGGFATHGELLHKVRQEAANPESLPPVRAIPLPPGWPIPEEPIGLERYMRLGDNNGSA
LLKDPGCLRAQCRLLYEALLADHVAYAEIRCSPANYASASRSPWVVLQEIRNHFQQAMEETPEDRRCHVNLLLTATREEG
GDRSRIARHLALAITAAEHWKNGCRVVGVDLAGFEDRTTRAAMFATDFEPVHRVGLAVTVHAGENDDVEGIWQAVFKLSA
RRLGHALHLSRSPDLLRVVAERGIAVELCPYANLQIKGFPLDEEQEGSETYPLRGYLAAGVAVTLNTDNLGISQASLTDN
LLLTARLCPGITRLEVLKTQVFAAQAAFANQAERKALWARLAQVPVPTDTEQKNGNDAKASHQPR
;
_entity_poly.pdbx_strand_id   B,D
#
# COMPACT_ATOMS: atom_id res chain seq x y z
N MET A 1 -6.12 -13.60 -35.17
CA MET A 1 -6.19 -12.65 -34.07
C MET A 1 -4.79 -12.16 -33.71
N ARG A 2 -3.86 -13.11 -33.56
CA ARG A 2 -2.48 -12.78 -33.25
C ARG A 2 -1.82 -12.04 -34.43
N ILE A 3 -0.91 -11.12 -34.13
CA ILE A 3 -0.19 -10.36 -35.14
C ILE A 3 1.31 -10.48 -34.88
N LEU A 4 2.11 -10.46 -35.95
CA LEU A 4 3.57 -10.48 -35.87
C LEU A 4 4.12 -9.22 -36.53
N LEU A 5 5.13 -8.62 -35.91
CA LEU A 5 5.78 -7.44 -36.44
C LEU A 5 7.29 -7.53 -36.26
N CYS A 6 8.02 -7.60 -37.37
CA CYS A 6 9.48 -7.51 -37.38
C CYS A 6 9.90 -6.21 -38.02
N SER A 7 11.09 -5.74 -37.66
CA SER A 7 11.78 -4.70 -38.40
C SER A 7 12.92 -5.35 -39.19
N VAL A 8 13.35 -4.69 -40.26
CA VAL A 8 14.29 -5.31 -41.18
C VAL A 8 15.42 -4.34 -41.53
N GLY A 9 16.65 -4.82 -41.47
CA GLY A 9 17.79 -4.11 -41.99
C GLY A 9 18.37 -4.86 -43.17
N THR A 10 19.68 -5.08 -43.18
CA THR A 10 20.27 -5.92 -44.21
C THR A 10 19.77 -7.35 -44.08
N SER A 11 19.65 -7.85 -42.85
CA SER A 11 19.12 -9.18 -42.60
C SER A 11 17.63 -9.24 -42.90
N TRP A 12 17.27 -10.08 -43.87
CA TRP A 12 15.86 -10.29 -44.23
C TRP A 12 15.33 -11.64 -43.79
N ALA A 13 16.19 -12.60 -43.44
CA ALA A 13 15.74 -13.90 -42.96
C ALA A 13 15.08 -13.82 -41.61
N VAL A 14 15.21 -12.69 -40.91
CA VAL A 14 14.64 -12.51 -39.59
C VAL A 14 13.14 -12.77 -39.60
N VAL A 15 12.43 -12.24 -40.58
CA VAL A 15 10.98 -12.38 -40.65
C VAL A 15 10.58 -13.83 -40.88
N PRO A 16 11.13 -14.54 -41.90
CA PRO A 16 10.77 -15.95 -42.07
C PRO A 16 11.11 -16.80 -40.86
N GLU A 17 12.24 -16.52 -40.20
CA GLU A 17 12.58 -17.26 -39.00
C GLU A 17 11.58 -16.97 -37.88
N ALA A 18 11.21 -15.70 -37.71
CA ALA A 18 10.32 -15.30 -36.61
C ALA A 18 8.90 -15.79 -36.82
N MET A 19 8.49 -16.06 -38.05
CA MET A 19 7.17 -16.62 -38.27
C MET A 19 7.05 -18.04 -37.73
N GLN A 20 8.16 -18.66 -37.31
CA GLN A 20 8.14 -20.02 -36.77
C GLN A 20 8.04 -20.03 -35.25
N LEU A 21 7.37 -19.04 -34.66
CA LEU A 21 7.11 -19.07 -33.23
C LEU A 21 5.99 -20.03 -32.89
N LEU A 22 5.21 -20.45 -33.90
CA LEU A 22 4.04 -21.27 -33.65
C LEU A 22 4.00 -22.51 -34.53
N GLY A 23 5.11 -22.91 -35.12
CA GLY A 23 5.13 -24.10 -35.94
C GLY A 23 4.39 -23.89 -37.25
N SER A 24 3.83 -24.99 -37.76
CA SER A 24 3.04 -24.93 -38.99
C SER A 24 1.76 -24.14 -38.83
N GLN A 25 1.32 -23.91 -37.59
CA GLN A 25 0.13 -23.10 -37.36
C GLN A 25 0.33 -21.67 -37.86
N GLY A 26 1.50 -21.09 -37.59
CA GLY A 26 1.78 -19.75 -38.06
C GLY A 26 0.98 -18.70 -37.30
N PHE A 27 0.87 -17.54 -37.92
CA PHE A 27 0.13 -16.41 -37.36
C PHE A 27 -1.02 -16.03 -38.30
N ASP A 28 -2.09 -15.50 -37.72
CA ASP A 28 -3.26 -15.16 -38.50
C ASP A 28 -2.97 -14.01 -39.47
N GLU A 29 -2.13 -13.07 -39.06
CA GLU A 29 -1.81 -11.92 -39.89
C GLU A 29 -0.37 -11.51 -39.59
N VAL A 30 0.34 -10.99 -40.59
CA VAL A 30 1.74 -10.56 -40.42
C VAL A 30 1.99 -9.28 -41.19
N HIS A 31 2.76 -8.37 -40.57
CA HIS A 31 3.27 -7.16 -41.21
C HIS A 31 4.74 -6.98 -40.86
N VAL A 32 5.44 -6.25 -41.73
CA VAL A 32 6.87 -5.98 -41.62
C VAL A 32 7.10 -4.49 -41.85
N LEU A 33 7.99 -3.90 -41.06
CA LEU A 33 8.44 -2.53 -41.27
C LEU A 33 9.89 -2.56 -41.73
N THR A 34 10.28 -1.53 -42.46
CA THR A 34 11.57 -1.53 -43.15
C THR A 34 11.93 -0.08 -43.46
N THR A 35 13.23 0.18 -43.60
CA THR A 35 13.72 1.50 -43.99
C THR A 35 13.70 1.63 -45.51
N ALA A 36 14.33 2.66 -46.06
CA ALA A 36 14.34 2.88 -47.50
C ALA A 36 15.72 2.81 -48.14
N SER A 37 16.76 2.53 -47.36
CA SER A 37 18.12 2.50 -47.90
C SER A 37 18.26 1.45 -48.98
N SER A 38 19.08 1.76 -49.99
CA SER A 38 19.33 0.87 -51.11
C SER A 38 19.92 -0.47 -50.66
N LYS A 39 20.58 -0.47 -49.50
CA LYS A 39 21.16 -1.70 -48.98
C LYS A 39 20.08 -2.73 -48.67
N ILE A 40 18.95 -2.29 -48.12
CA ILE A 40 17.90 -3.21 -47.70
C ILE A 40 17.03 -3.65 -48.88
N SER A 41 17.05 -2.89 -49.98
CA SER A 41 16.11 -3.09 -51.09
C SER A 41 16.03 -4.51 -51.62
N PRO A 42 17.13 -5.23 -51.89
CA PRO A 42 16.96 -6.63 -52.33
C PRO A 42 16.25 -7.50 -51.30
N GLY A 43 16.45 -7.21 -50.02
CA GLY A 43 15.77 -7.97 -48.98
C GLY A 43 14.27 -7.85 -49.04
N VAL A 44 13.76 -6.67 -49.43
CA VAL A 44 12.31 -6.48 -49.57
C VAL A 44 11.76 -7.39 -50.65
N GLU A 45 12.44 -7.43 -51.81
CA GLU A 45 11.99 -8.29 -52.89
C GLU A 45 12.08 -9.76 -52.51
N GLN A 46 13.14 -10.15 -51.79
CA GLN A 46 13.26 -11.54 -51.37
C GLN A 46 12.16 -11.92 -50.39
N LEU A 47 11.84 -11.02 -49.45
CA LEU A 47 10.73 -11.26 -48.53
C LEU A 47 9.42 -11.38 -49.28
N LEU A 48 9.22 -10.54 -50.29
CA LEU A 48 8.01 -10.62 -51.11
C LEU A 48 7.92 -11.94 -51.86
N ARG A 49 9.06 -12.46 -52.33
CA ARG A 49 9.04 -13.73 -53.03
C ARG A 49 8.91 -14.91 -52.08
N TYR A 50 9.21 -14.69 -50.78
CA TYR A 50 9.18 -15.78 -49.81
C TYR A 50 7.79 -16.41 -49.68
N PHE A 51 6.72 -15.65 -49.87
CA PHE A 51 5.36 -16.20 -49.82
C PHE A 51 4.91 -16.62 -51.21
N GLU A 52 3.58 -16.74 -51.39
CA GLU A 52 2.89 -17.25 -52.58
C GLU A 52 2.78 -18.77 -52.57
N MET A 53 3.24 -19.41 -51.49
CA MET A 53 2.89 -20.81 -51.22
C MET A 53 2.11 -20.97 -49.93
N HIS A 54 1.66 -19.88 -49.33
CA HIS A 54 0.89 -19.90 -48.09
C HIS A 54 -0.37 -19.07 -48.28
N PRO A 55 -1.37 -19.62 -48.96
CA PRO A 55 -2.64 -18.89 -49.11
C PRO A 55 -3.36 -18.72 -47.79
N GLY A 56 -4.18 -17.67 -47.72
CA GLY A 56 -4.84 -17.32 -46.49
C GLY A 56 -4.40 -15.97 -45.97
N PRO A 57 -3.60 -15.98 -44.91
CA PRO A 57 -3.16 -14.71 -44.30
C PRO A 57 -2.39 -13.84 -45.28
N ARG A 58 -2.60 -12.53 -45.17
CA ARG A 58 -1.97 -11.55 -46.03
C ARG A 58 -0.74 -10.97 -45.35
N PHE A 59 0.35 -10.87 -46.09
CA PHE A 59 1.61 -10.34 -45.56
C PHE A 59 1.89 -8.98 -46.20
N SER A 60 2.07 -7.98 -45.36
CA SER A 60 2.38 -6.64 -45.81
C SER A 60 3.75 -6.20 -45.30
N ILE A 61 4.44 -5.42 -46.12
CA ILE A 61 5.76 -4.90 -45.77
C ILE A 61 5.80 -3.40 -46.03
N SER A 62 6.13 -2.63 -45.00
CA SER A 62 6.15 -1.18 -45.09
C SER A 62 7.57 -0.67 -45.05
N ARG A 63 7.81 0.43 -45.79
CA ARG A 63 9.12 1.03 -45.88
C ARG A 63 8.99 2.51 -45.65
N VAL A 64 9.68 3.05 -44.64
CA VAL A 64 9.60 4.48 -44.41
C VAL A 64 10.21 5.22 -45.60
N GLN A 65 9.56 6.30 -46.03
CA GLN A 65 9.81 6.90 -47.33
C GLN A 65 11.25 7.35 -47.55
N ASP A 66 11.75 8.27 -46.72
CA ASP A 66 13.02 8.94 -47.00
C ASP A 66 14.09 8.66 -45.96
N PHE A 67 13.99 7.57 -45.21
CA PHE A 67 15.04 7.20 -44.27
C PHE A 67 16.07 6.33 -44.97
N GLU A 68 17.32 6.78 -44.95
CA GLU A 68 18.43 6.01 -45.51
C GLU A 68 19.35 5.43 -44.45
N ASP A 69 19.31 5.97 -43.23
CA ASP A 69 20.10 5.49 -42.11
C ASP A 69 19.67 6.24 -40.86
N LEU A 70 19.87 5.60 -39.70
CA LEU A 70 19.57 6.21 -38.41
C LEU A 70 20.89 6.63 -37.78
N ARG A 71 21.37 7.80 -38.18
CA ARG A 71 22.69 8.29 -37.79
C ARG A 71 22.62 9.41 -36.76
N SER A 72 21.44 9.65 -36.19
CA SER A 72 21.29 10.69 -35.18
C SER A 72 20.03 10.40 -34.38
N GLU A 73 19.92 11.06 -33.23
CA GLU A 73 18.70 10.99 -32.43
C GLU A 73 17.51 11.60 -33.17
N GLN A 74 17.78 12.51 -34.11
CA GLN A 74 16.72 13.10 -34.90
C GLN A 74 16.00 12.04 -35.74
N ASP A 75 16.77 11.19 -36.42
CA ASP A 75 16.17 10.12 -37.20
C ASP A 75 15.48 9.08 -36.34
N HIS A 76 15.97 8.86 -35.12
CA HIS A 76 15.37 7.87 -34.23
C HIS A 76 14.03 8.32 -33.66
N MET A 77 13.78 9.62 -33.61
CA MET A 77 12.48 10.14 -33.21
C MET A 77 11.44 10.08 -34.31
N LEU A 78 11.82 10.48 -35.53
CA LEU A 78 10.90 10.33 -36.67
C LEU A 78 10.61 8.86 -36.93
N PHE A 79 11.63 8.00 -36.84
CA PHE A 79 11.42 6.58 -37.02
C PHE A 79 10.52 6.02 -35.93
N GLU A 80 10.69 6.50 -34.69
CA GLU A 80 9.81 6.05 -33.62
C GLU A 80 8.37 6.51 -33.83
N GLU A 81 8.17 7.72 -34.34
CA GLU A 81 6.82 8.18 -34.67
C GLU A 81 6.19 7.27 -35.72
N VAL A 82 6.93 7.00 -36.80
CA VAL A 82 6.41 6.12 -37.85
C VAL A 82 6.16 4.72 -37.31
N LEU A 83 7.07 4.23 -36.47
CA LEU A 83 6.96 2.90 -35.88
C LEU A 83 5.73 2.77 -34.98
N TRP A 84 5.47 3.77 -34.15
CA TRP A 84 4.30 3.72 -33.29
C TRP A 84 3.00 3.87 -34.08
N ARG A 85 2.98 4.72 -35.10
CA ARG A 85 1.78 4.81 -35.93
C ARG A 85 1.52 3.50 -36.67
N TRP A 86 2.57 2.88 -37.20
CA TRP A 86 2.44 1.59 -37.87
C TRP A 86 2.05 0.48 -36.91
N LEU A 87 2.56 0.52 -35.67
CA LEU A 87 2.18 -0.44 -34.65
C LEU A 87 0.72 -0.29 -34.26
N LEU A 88 0.23 0.95 -34.15
CA LEU A 88 -1.16 1.18 -33.78
C LEU A 88 -2.12 0.87 -34.92
N GLN A 89 -1.70 1.05 -36.18
CA GLN A 89 -2.52 0.66 -37.31
C GLN A 89 -2.55 -0.84 -37.51
N ARG A 90 -1.39 -1.45 -37.74
CA ARG A 90 -1.32 -2.86 -38.10
C ARG A 90 -1.47 -3.80 -36.91
N ALA A 91 -1.29 -3.32 -35.69
CA ALA A 91 -1.46 -4.13 -34.48
C ALA A 91 -2.32 -3.35 -33.48
N PRO A 92 -3.64 -3.32 -33.70
CA PRO A 92 -4.50 -2.47 -32.86
C PRO A 92 -4.43 -2.77 -31.37
N GLN A 93 -4.65 -4.02 -30.97
CA GLN A 93 -4.68 -4.38 -29.56
C GLN A 93 -3.34 -4.98 -29.14
N ALA A 94 -3.08 -4.89 -27.83
CA ALA A 94 -1.82 -5.34 -27.26
C ALA A 94 -1.85 -6.79 -26.80
N ALA A 95 -3.01 -7.43 -26.80
CA ALA A 95 -3.13 -8.82 -26.39
C ALA A 95 -2.83 -9.79 -27.51
N HIS A 96 -2.71 -9.31 -28.75
CA HIS A 96 -2.38 -10.16 -29.89
C HIS A 96 -1.12 -9.71 -30.60
N ARG A 97 -0.33 -8.83 -29.96
CA ARG A 97 0.81 -8.19 -30.60
C ARG A 97 2.10 -8.94 -30.27
N TYR A 98 2.73 -9.51 -31.28
CA TYR A 98 4.03 -10.16 -31.15
C TYR A 98 5.07 -9.26 -31.79
N ILE A 99 6.08 -8.87 -31.00
CA ILE A 99 7.05 -7.87 -31.43
C ILE A 99 8.41 -8.54 -31.57
N CYS A 100 8.69 -9.04 -32.77
CA CYS A 100 9.98 -9.52 -33.26
C CYS A 100 11.10 -8.50 -33.03
N LEU A 101 12.12 -8.87 -32.27
CA LEU A 101 13.19 -7.95 -31.88
C LEU A 101 14.46 -8.12 -32.69
N ALA A 102 14.49 -9.02 -33.66
CA ALA A 102 15.67 -9.19 -34.49
C ALA A 102 15.52 -8.34 -35.75
N GLY A 103 16.57 -8.29 -36.56
CA GLY A 103 16.61 -7.35 -37.66
C GLY A 103 16.59 -5.93 -37.12
N GLY A 104 17.62 -5.58 -36.36
CA GLY A 104 17.62 -4.38 -35.55
C GLY A 104 18.77 -3.44 -35.83
N TYR A 105 19.08 -3.23 -37.12
CA TYR A 105 20.17 -2.36 -37.55
C TYR A 105 20.18 -1.04 -36.78
N LYS A 106 21.25 -0.79 -36.04
CA LYS A 106 21.39 0.37 -35.16
C LYS A 106 20.29 0.39 -34.11
N THR A 107 19.71 1.55 -33.84
CA THR A 107 18.71 1.69 -32.77
C THR A 107 17.30 1.47 -33.31
N ILE A 108 17.05 0.31 -33.90
CA ILE A 108 15.71 -0.04 -34.36
C ILE A 108 15.15 -1.12 -33.45
N SER A 109 15.99 -2.09 -33.05
CA SER A 109 15.55 -3.08 -32.08
C SER A 109 15.25 -2.48 -30.72
N ALA A 110 16.05 -1.52 -30.28
CA ALA A 110 15.75 -0.81 -29.04
C ALA A 110 14.43 -0.05 -29.16
N ALA A 111 14.19 0.59 -30.31
CA ALA A 111 12.93 1.29 -30.52
C ALA A 111 11.75 0.32 -30.51
N MET A 112 11.91 -0.85 -31.13
CA MET A 112 10.85 -1.84 -31.15
C MET A 112 10.54 -2.37 -29.76
N GLN A 113 11.56 -2.60 -28.94
CA GLN A 113 11.34 -3.04 -27.57
C GLN A 113 10.79 -1.95 -26.68
N ARG A 114 11.16 -0.70 -26.93
CA ARG A 114 10.62 0.45 -26.21
C ARG A 114 9.18 0.77 -26.62
N ALA A 115 8.78 0.40 -27.83
CA ALA A 115 7.39 0.50 -28.26
C ALA A 115 6.56 -0.67 -27.77
N ALA A 116 7.19 -1.68 -27.17
CA ALA A 116 6.48 -2.83 -26.62
C ALA A 116 6.09 -2.63 -25.18
N ALA A 117 6.81 -1.77 -24.44
CA ALA A 117 6.50 -1.51 -23.05
C ALA A 117 5.57 -0.33 -22.85
N LEU A 118 5.42 0.55 -23.83
CA LEU A 118 4.51 1.69 -23.76
C LEU A 118 3.13 1.38 -24.31
N PHE A 119 3.05 0.65 -25.42
CA PHE A 119 1.79 0.33 -26.05
C PHE A 119 1.31 -1.08 -25.79
N GLY A 120 2.17 -1.96 -25.30
CA GLY A 120 1.79 -3.30 -24.92
C GLY A 120 2.08 -4.31 -26.02
N ALA A 121 2.32 -5.55 -25.60
CA ALA A 121 2.56 -6.66 -26.50
C ALA A 121 2.38 -7.95 -25.73
N CYS A 122 1.73 -8.93 -26.37
CA CYS A 122 1.51 -10.22 -25.73
C CYS A 122 2.78 -11.06 -25.66
N GLU A 123 3.75 -10.78 -26.52
CA GLU A 123 5.04 -11.48 -26.49
C GLU A 123 6.07 -10.63 -27.20
N VAL A 124 7.20 -10.41 -26.54
CA VAL A 124 8.31 -9.66 -27.10
C VAL A 124 9.50 -10.62 -27.14
N PHE A 125 9.81 -11.13 -28.33
CA PHE A 125 10.78 -12.21 -28.47
C PHE A 125 11.89 -11.79 -29.43
N HIS A 126 12.98 -12.56 -29.40
CA HIS A 126 14.14 -12.34 -30.24
C HIS A 126 14.55 -13.67 -30.84
N VAL A 127 14.89 -13.67 -32.12
CA VAL A 127 15.16 -14.88 -32.89
C VAL A 127 16.66 -15.04 -33.06
N LEU A 128 17.15 -16.25 -32.79
CA LEU A 128 18.55 -16.61 -33.01
C LEU A 128 18.63 -17.76 -33.99
N CYS A 129 19.48 -17.61 -35.01
CA CYS A 129 19.67 -18.64 -36.02
C CYS A 129 20.81 -19.59 -35.67
N GLU A 130 21.14 -19.70 -34.40
CA GLU A 130 22.18 -20.61 -33.93
C GLU A 130 21.72 -22.06 -34.13
N PRO A 131 22.60 -22.97 -34.57
CA PRO A 131 24.02 -22.77 -34.92
C PRO A 131 24.21 -22.10 -36.29
N ARG A 132 25.35 -21.47 -36.49
CA ARG A 132 25.65 -20.77 -37.74
C ARG A 132 26.18 -21.71 -38.83
N PHE A 133 25.44 -22.77 -39.15
CA PHE A 133 25.93 -23.74 -40.12
C PHE A 133 25.51 -23.41 -41.54
N GLY A 134 25.86 -22.21 -42.00
CA GLY A 134 25.62 -21.82 -43.37
C GLY A 134 26.57 -22.53 -44.31
N PRO A 135 26.94 -21.88 -45.41
CA PRO A 135 27.97 -22.44 -46.30
C PRO A 135 29.26 -22.67 -45.54
N GLN A 136 29.71 -23.92 -45.52
CA GLN A 136 30.90 -24.37 -44.79
C GLN A 136 30.75 -24.20 -43.28
N GLY A 137 29.53 -24.01 -42.79
CA GLY A 137 29.27 -23.95 -41.37
C GLY A 137 29.95 -22.81 -40.62
N ASN A 138 29.85 -21.58 -41.13
CA ASN A 138 30.50 -20.45 -40.49
C ASN A 138 29.62 -19.24 -40.26
N ARG A 139 28.43 -19.16 -40.86
CA ARG A 139 27.58 -17.98 -40.73
C ARG A 139 26.13 -18.41 -40.59
N GLU A 140 25.32 -17.50 -40.04
CA GLU A 140 23.91 -17.79 -39.79
C GLU A 140 23.18 -18.12 -41.08
N ALA A 141 22.22 -19.04 -40.98
CA ALA A 141 21.48 -19.53 -42.15
C ALA A 141 20.48 -18.45 -42.58
N SER A 142 20.91 -17.61 -43.52
CA SER A 142 20.09 -16.53 -44.05
C SER A 142 20.19 -16.50 -45.56
N THR A 143 19.15 -15.96 -46.20
CA THR A 143 19.09 -15.71 -47.64
C THR A 143 18.89 -16.99 -48.43
N LEU A 144 17.82 -17.04 -49.22
CA LEU A 144 17.54 -18.14 -50.14
C LEU A 144 17.12 -19.41 -49.41
N GLU A 145 17.21 -20.55 -50.09
CA GLU A 145 16.83 -21.84 -49.50
C GLU A 145 17.57 -22.12 -48.20
N GLU A 146 18.63 -21.36 -47.90
CA GLU A 146 19.32 -21.47 -46.62
C GLU A 146 18.38 -21.19 -45.46
N VAL A 147 17.27 -20.50 -45.68
CA VAL A 147 16.30 -20.21 -44.64
C VAL A 147 15.26 -21.32 -44.53
N GLU A 148 14.78 -21.81 -45.68
CA GLU A 148 13.80 -22.89 -45.66
C GLU A 148 14.40 -24.18 -45.12
N GLN A 149 15.69 -24.43 -45.42
CA GLN A 149 16.36 -25.57 -44.83
C GLN A 149 16.41 -25.45 -43.31
N ALA A 150 16.73 -24.26 -42.80
CA ALA A 150 16.72 -24.03 -41.37
C ALA A 150 15.33 -24.26 -40.79
N ILE A 151 14.29 -23.79 -41.48
CA ILE A 151 12.92 -24.07 -41.06
C ILE A 151 12.70 -25.58 -40.96
N ALA A 152 13.23 -26.34 -41.92
CA ALA A 152 13.08 -27.78 -41.92
C ALA A 152 13.93 -28.49 -40.87
N THR A 153 14.98 -27.85 -40.34
CA THR A 153 15.87 -28.54 -39.40
C THR A 153 16.13 -27.71 -38.15
N ASN A 154 15.10 -27.07 -37.61
CA ASN A 154 15.20 -26.29 -36.38
C ASN A 154 16.27 -25.21 -36.48
N ALA A 155 17.17 -25.15 -35.51
CA ALA A 155 18.24 -24.15 -35.41
C ALA A 155 17.67 -22.74 -35.29
N LEU A 156 16.40 -22.60 -34.94
CA LEU A 156 15.76 -21.30 -34.76
C LEU A 156 15.37 -21.21 -33.29
N ARG A 157 16.30 -20.73 -32.46
CA ARG A 157 16.06 -20.55 -31.04
C ARG A 157 15.39 -19.21 -30.81
N PHE A 158 14.33 -19.22 -30.00
CA PHE A 158 13.45 -18.07 -29.83
C PHE A 158 13.59 -17.57 -28.40
N VAL A 159 14.27 -16.44 -28.23
CA VAL A 159 14.49 -15.85 -26.91
C VAL A 159 13.26 -15.01 -26.59
N ARG A 160 12.34 -15.60 -25.83
CA ARG A 160 11.08 -14.95 -25.45
C ARG A 160 11.33 -14.14 -24.20
N LEU A 161 11.42 -12.82 -24.37
CA LEU A 161 11.61 -11.93 -23.23
C LEU A 161 10.37 -11.81 -22.35
N GLY A 162 9.26 -12.44 -22.73
CA GLY A 162 8.04 -12.37 -21.96
C GLY A 162 7.05 -11.39 -22.56
N PRO A 163 5.91 -11.22 -21.91
CA PRO A 163 4.95 -10.22 -22.35
C PRO A 163 5.12 -8.84 -21.73
N GLU A 164 4.29 -7.92 -22.20
CA GLU A 164 4.38 -6.53 -21.77
C GLU A 164 2.98 -5.92 -21.64
N PRO A 165 2.55 -5.56 -20.45
CA PRO A 165 1.19 -5.01 -20.29
C PRO A 165 0.96 -3.74 -21.09
N GLY A 166 1.93 -2.82 -21.05
CA GLY A 166 1.77 -1.53 -21.68
C GLY A 166 1.25 -0.50 -20.71
N TRP A 167 1.64 0.75 -20.89
CA TRP A 167 1.15 1.82 -20.05
C TRP A 167 -0.37 1.96 -20.21
N PRO A 168 -1.14 1.95 -19.11
CA PRO A 168 -2.59 2.15 -19.26
C PRO A 168 -2.95 3.47 -19.90
N GLN A 169 -2.11 4.50 -19.71
CA GLN A 169 -2.36 5.80 -20.30
C GLN A 169 -2.17 5.78 -21.81
N LEU A 170 -1.33 4.87 -22.31
CA LEU A 170 -1.00 4.82 -23.74
C LEU A 170 -1.71 3.69 -24.48
N ARG A 171 -2.80 3.15 -23.92
CA ARG A 171 -3.52 2.07 -24.58
C ARG A 171 -4.90 2.51 -25.05
N LEU A 172 -5.29 3.75 -24.77
CA LEU A 172 -6.50 4.32 -25.36
C LEU A 172 -6.24 4.96 -26.70
N LEU A 173 -4.97 5.14 -27.07
CA LEU A 173 -4.62 5.73 -28.36
C LEU A 173 -4.97 4.78 -29.50
N SER A 174 -5.43 5.35 -30.61
CA SER A 174 -5.87 4.58 -31.76
C SER A 174 -5.20 5.13 -33.02
N ALA A 175 -5.16 4.29 -34.04
CA ALA A 175 -4.59 4.63 -35.35
C ALA A 175 -5.32 5.80 -36.02
N PRO A 176 -6.67 5.84 -36.01
CA PRO A 176 -7.34 7.00 -36.63
C PRO A 176 -6.95 8.34 -36.03
N SER A 177 -6.68 8.38 -34.73
CA SER A 177 -6.30 9.64 -34.10
C SER A 177 -4.94 10.13 -34.58
N PHE A 178 -4.05 9.21 -34.95
CA PHE A 178 -2.71 9.53 -35.44
C PHE A 178 -2.49 8.80 -36.76
N PRO A 179 -3.03 9.32 -37.86
CA PRO A 179 -2.96 8.61 -39.14
C PRO A 179 -1.54 8.55 -39.68
N LEU A 180 -1.33 7.57 -40.57
CA LEU A 180 -0.07 7.37 -41.26
C LEU A 180 -0.34 7.12 -42.74
N GLU A 181 0.45 7.77 -43.60
CA GLU A 181 0.23 7.70 -45.04
C GLU A 181 0.66 6.33 -45.57
N SER A 182 0.10 5.96 -46.73
CA SER A 182 0.32 4.62 -47.26
C SER A 182 0.58 4.61 -48.77
N THR A 183 1.48 5.46 -49.25
CA THR A 183 1.82 5.51 -50.67
C THR A 183 2.38 4.17 -51.14
N LEU A 184 1.65 3.52 -52.04
CA LEU A 184 1.75 2.09 -52.31
C LEU A 184 2.19 1.94 -53.77
N GLN A 185 3.47 1.70 -53.99
CA GLN A 185 3.91 1.34 -55.34
C GLN A 185 3.92 -0.19 -55.42
N GLY A 186 2.72 -0.77 -55.46
CA GLY A 186 2.60 -2.19 -55.69
C GLY A 186 2.32 -2.94 -54.41
N PRO A 187 3.17 -3.92 -54.07
CA PRO A 187 2.97 -4.64 -52.80
C PRO A 187 3.59 -3.99 -51.57
N VAL A 188 4.25 -2.83 -51.68
CA VAL A 188 5.05 -2.32 -50.57
C VAL A 188 4.56 -0.93 -50.21
N HIS A 189 4.33 -0.70 -48.93
CA HIS A 189 3.91 0.62 -48.49
C HIS A 189 5.12 1.46 -48.06
N TRP A 190 5.25 2.62 -48.69
CA TRP A 190 6.08 3.73 -48.22
C TRP A 190 5.27 4.69 -47.36
N VAL A 191 5.01 4.19 -46.16
CA VAL A 191 4.48 4.86 -44.99
C VAL A 191 5.38 5.98 -44.48
N ARG A 192 4.79 7.12 -44.14
CA ARG A 192 5.49 8.17 -43.41
C ARG A 192 4.47 8.89 -42.54
N ALA A 193 4.96 9.77 -41.68
CA ALA A 193 4.14 10.47 -40.71
C ALA A 193 3.89 11.90 -41.15
N SER A 194 2.67 12.37 -40.93
CA SER A 194 2.29 13.75 -41.24
C SER A 194 2.98 14.70 -40.28
N ASP A 195 2.71 14.54 -38.99
CA ASP A 195 3.29 15.38 -37.94
C ASP A 195 3.73 14.50 -36.78
N MET A 196 4.69 15.03 -36.02
CA MET A 196 5.19 14.34 -34.82
C MET A 196 4.23 14.59 -33.65
N ARG A 197 2.98 14.17 -33.85
CA ARG A 197 1.92 14.34 -32.85
C ARG A 197 1.90 13.23 -31.82
N LEU A 198 1.98 11.96 -32.26
CA LEU A 198 1.93 10.85 -31.32
C LEU A 198 3.11 10.87 -30.36
N ARG A 199 4.31 11.19 -30.85
CA ARG A 199 5.47 11.23 -29.98
C ARG A 199 5.32 12.30 -28.90
N GLN A 200 4.73 13.45 -29.25
CA GLN A 200 4.51 14.49 -28.25
C GLN A 200 3.58 14.03 -27.15
N HIS A 201 2.48 13.34 -27.49
CA HIS A 201 1.59 12.84 -26.46
C HIS A 201 2.30 11.81 -25.58
N VAL A 202 3.06 10.91 -26.21
CA VAL A 202 3.79 9.90 -25.44
C VAL A 202 4.78 10.55 -24.49
N GLU A 203 5.57 11.52 -24.98
CA GLU A 203 6.59 12.13 -24.16
C GLU A 203 5.98 12.98 -23.05
N GLY A 204 4.87 13.66 -23.32
CA GLY A 204 4.17 14.38 -22.27
C GLY A 204 3.65 13.47 -21.18
N VAL A 205 3.06 12.34 -21.59
CA VAL A 205 2.54 11.39 -20.61
C VAL A 205 3.68 10.83 -19.77
N LEU A 206 4.79 10.44 -20.43
CA LEU A 206 5.95 9.93 -19.71
C LEU A 206 6.58 10.99 -18.81
N GLU A 207 6.55 12.26 -19.21
CA GLU A 207 7.12 13.33 -18.41
C GLU A 207 6.30 13.60 -17.16
N ARG A 208 4.98 13.68 -17.27
CA ARG A 208 4.17 13.83 -16.07
C ARG A 208 4.24 12.58 -15.21
N SER A 209 4.42 11.42 -15.84
CA SER A 209 4.60 10.18 -15.08
C SER A 209 5.90 10.20 -14.28
N ARG A 210 6.98 10.69 -14.88
CA ARG A 210 8.24 10.74 -14.15
C ARG A 210 8.22 11.83 -13.08
N HIS A 211 7.42 12.88 -13.28
CA HIS A 211 7.17 13.83 -12.20
C HIS A 211 6.33 13.23 -11.08
N ILE A 212 5.44 12.29 -11.38
CA ILE A 212 4.58 11.67 -10.39
C ILE A 212 5.31 10.61 -9.58
N LEU A 213 6.01 9.70 -10.26
CA LEU A 213 6.60 8.54 -9.57
C LEU A 213 7.66 8.97 -8.56
N ALA A 214 8.25 10.16 -8.76
CA ALA A 214 9.24 10.65 -7.80
C ALA A 214 8.63 10.86 -6.43
N ALA A 215 7.42 11.44 -6.37
CA ALA A 215 6.72 11.66 -5.12
C ALA A 215 5.71 10.56 -4.79
N TRP A 216 5.60 9.55 -5.65
CA TRP A 216 4.65 8.45 -5.46
C TRP A 216 5.37 7.11 -5.63
N GLU A 217 6.55 6.99 -5.04
CA GLU A 217 7.38 5.81 -5.16
C GLU A 217 7.22 4.93 -3.92
N GLY A 218 7.21 3.62 -4.15
CA GLY A 218 7.07 2.63 -3.09
C GLY A 218 5.84 1.77 -3.29
N ILE A 219 5.80 0.72 -2.46
CA ILE A 219 4.66 -0.20 -2.43
C ILE A 219 4.16 -0.33 -1.00
N SER A 220 4.61 0.58 -0.13
CA SER A 220 4.29 0.53 1.29
C SER A 220 3.22 1.54 1.69
N GLU A 221 2.58 2.18 0.71
CA GLU A 221 1.50 3.11 0.97
C GLU A 221 0.17 2.56 0.49
N LEU A 222 0.20 1.55 -0.38
CA LEU A 222 -0.99 0.96 -0.97
C LEU A 222 -1.91 0.40 0.10
N PRO A 223 -3.19 0.82 0.12
CA PRO A 223 -4.10 0.32 1.16
C PRO A 223 -4.45 -1.15 1.00
N ILE A 224 -4.32 -1.70 -0.21
CA ILE A 224 -4.66 -3.08 -0.49
C ILE A 224 -3.36 -3.84 -0.80
N PRO A 225 -3.04 -4.90 -0.06
CA PRO A 225 -1.79 -5.64 -0.33
C PRO A 225 -1.71 -6.18 -1.75
N ALA A 226 -2.83 -6.57 -2.35
CA ALA A 226 -2.82 -7.08 -3.70
C ALA A 226 -2.38 -6.03 -4.71
N LEU A 227 -2.45 -4.75 -4.36
CA LEU A 227 -1.97 -3.71 -5.25
C LEU A 227 -0.46 -3.74 -5.43
N ALA A 228 0.25 -4.26 -4.43
CA ALA A 228 1.71 -4.33 -4.51
C ALA A 228 2.20 -5.30 -5.59
N ALA A 229 1.31 -6.16 -6.10
CA ALA A 229 1.65 -7.06 -7.20
C ALA A 229 1.23 -6.49 -8.55
N TRP A 230 0.99 -5.20 -8.65
CA TRP A 230 0.64 -4.59 -9.92
C TRP A 230 1.90 -4.21 -10.69
N PRO A 231 1.83 -4.17 -12.02
CA PRO A 231 2.97 -3.71 -12.82
C PRO A 231 3.27 -2.25 -12.50
N PRO A 232 4.53 -1.82 -12.66
CA PRO A 232 4.87 -0.43 -12.36
C PRO A 232 4.07 0.58 -13.14
N SER A 233 3.74 0.27 -14.41
CA SER A 233 2.87 1.16 -15.17
C SER A 233 1.48 1.25 -14.54
N HIS A 234 0.94 0.11 -14.11
CA HIS A 234 -0.39 0.10 -13.51
C HIS A 234 -0.40 0.74 -12.14
N LEU A 235 0.69 0.62 -11.38
CA LEU A 235 0.78 1.34 -10.11
C LEU A 235 0.92 2.83 -10.33
N ARG A 236 1.71 3.24 -11.32
CA ARG A 236 1.89 4.65 -11.63
C ARG A 236 0.57 5.27 -12.09
N TRP A 237 -0.20 4.54 -12.89
CA TRP A 237 -1.51 5.02 -13.31
C TRP A 237 -2.44 5.18 -12.12
N LEU A 238 -2.32 4.29 -11.13
CA LEU A 238 -3.15 4.37 -9.93
C LEU A 238 -2.89 5.64 -9.13
N HIS A 239 -1.73 6.26 -9.28
CA HIS A 239 -1.42 7.52 -8.60
C HIS A 239 -1.75 8.73 -9.45
N GLU A 240 -2.17 8.54 -10.69
CA GLU A 240 -2.58 9.63 -11.54
C GLU A 240 -3.96 10.13 -11.12
N PRO A 241 -4.28 11.40 -11.42
CA PRO A 241 -5.59 11.92 -11.02
C PRO A 241 -6.72 11.15 -11.68
N LEU A 242 -7.79 10.94 -10.92
CA LEU A 242 -8.95 10.23 -11.42
C LEU A 242 -9.68 11.08 -12.46
N ASP A 243 -9.99 10.47 -13.60
CA ASP A 243 -10.73 11.13 -14.66
C ASP A 243 -12.19 10.70 -14.59
N PRO A 244 -13.12 11.61 -14.36
CA PRO A 244 -14.52 11.19 -14.17
C PRO A 244 -15.15 10.56 -15.41
N VAL A 245 -14.59 10.78 -16.60
CA VAL A 245 -15.18 10.29 -17.82
C VAL A 245 -14.54 8.98 -18.29
N GLN A 246 -13.21 8.90 -18.31
CA GLN A 246 -12.56 7.70 -18.82
C GLN A 246 -12.41 6.61 -17.78
N ASP A 247 -12.62 6.92 -16.49
CA ASP A 247 -12.58 5.93 -15.43
C ASP A 247 -13.96 5.53 -14.95
N LYS A 248 -15.00 5.83 -15.73
CA LYS A 248 -16.35 5.38 -15.40
C LYS A 248 -16.41 3.87 -15.26
N ALA A 249 -15.86 3.15 -16.24
CA ALA A 249 -15.94 1.68 -16.23
C ALA A 249 -15.12 1.09 -15.09
N TRP A 250 -13.93 1.64 -14.84
CA TRP A 250 -13.08 1.10 -13.78
C TRP A 250 -13.71 1.29 -12.41
N VAL A 251 -14.25 2.48 -12.14
CA VAL A 251 -14.91 2.71 -10.86
C VAL A 251 -16.18 1.88 -10.75
N GLN A 252 -16.88 1.67 -11.88
CA GLN A 252 -18.10 0.86 -11.85
C GLN A 252 -17.79 -0.57 -11.42
N ALA A 253 -16.69 -1.14 -11.89
CA ALA A 253 -16.33 -2.52 -11.59
C ALA A 253 -15.65 -2.68 -10.23
N LEU A 254 -15.37 -1.59 -9.53
CA LEU A 254 -14.70 -1.69 -8.24
C LEU A 254 -15.63 -2.33 -7.21
N PRO A 255 -15.13 -3.24 -6.37
CA PRO A 255 -15.91 -3.66 -5.19
C PRO A 255 -15.97 -2.54 -4.17
N LYS A 256 -17.18 -2.12 -3.82
CA LYS A 256 -17.38 -0.96 -2.97
C LYS A 256 -18.03 -1.35 -1.66
N VAL A 257 -17.96 -0.42 -0.70
CA VAL A 257 -18.54 -0.57 0.63
C VAL A 257 -19.47 0.60 0.85
N GLU A 258 -20.68 0.32 1.32
CA GLU A 258 -21.70 1.34 1.59
C GLU A 258 -21.97 1.37 3.10
N LEU A 259 -21.78 2.54 3.71
CA LEU A 259 -22.02 2.70 5.13
C LEU A 259 -23.17 3.63 5.47
N HIS A 260 -23.61 4.47 4.53
CA HIS A 260 -24.68 5.44 4.77
C HIS A 260 -25.67 5.34 3.60
N CYS A 261 -26.72 4.55 3.81
CA CYS A 261 -27.73 4.35 2.77
C CYS A 261 -29.08 4.20 3.45
N HIS A 262 -29.95 5.20 3.27
CA HIS A 262 -31.28 5.17 3.87
C HIS A 262 -32.22 4.33 3.01
N LEU A 263 -32.96 3.43 3.66
CA LEU A 263 -33.90 2.57 2.95
C LEU A 263 -35.07 3.36 2.40
N GLY A 264 -35.53 4.37 3.13
CA GLY A 264 -36.69 5.14 2.72
C GLY A 264 -36.46 6.11 1.60
N GLY A 265 -35.21 6.34 1.21
CA GLY A 265 -34.92 7.25 0.12
C GLY A 265 -34.32 6.58 -1.10
N PHE A 266 -34.82 5.42 -1.48
CA PHE A 266 -34.23 4.65 -2.57
C PHE A 266 -35.07 4.72 -3.85
N ALA A 267 -36.34 4.35 -3.77
CA ALA A 267 -37.24 4.46 -4.91
C ALA A 267 -38.05 5.76 -4.82
N THR A 268 -37.32 6.86 -4.85
CA THR A 268 -37.88 8.18 -4.58
C THR A 268 -38.71 8.73 -5.73
N HIS A 269 -38.37 8.37 -6.96
CA HIS A 269 -39.06 8.89 -8.13
C HIS A 269 -38.77 7.99 -9.31
N GLY A 270 -39.37 8.33 -10.45
CA GLY A 270 -39.07 7.64 -11.69
C GLY A 270 -39.63 6.22 -11.75
N GLU A 271 -38.94 5.37 -12.51
CA GLU A 271 -39.43 4.03 -12.77
C GLU A 271 -39.33 3.13 -11.55
N LEU A 272 -38.34 3.35 -10.68
CA LEU A 272 -38.22 2.55 -9.46
C LEU A 272 -39.40 2.76 -8.54
N LEU A 273 -39.88 4.00 -8.41
CA LEU A 273 -41.04 4.28 -7.57
C LEU A 273 -42.28 3.56 -8.10
N HIS A 274 -42.52 3.63 -9.41
CA HIS A 274 -43.68 2.96 -9.98
C HIS A 274 -43.56 1.45 -9.85
N LYS A 275 -42.34 0.92 -9.97
CA LYS A 275 -42.12 -0.52 -9.82
C LYS A 275 -42.38 -0.97 -8.38
N VAL A 276 -42.01 -0.14 -7.42
CA VAL A 276 -42.30 -0.47 -6.02
C VAL A 276 -43.80 -0.36 -5.73
N ARG A 277 -44.45 0.68 -6.27
CA ARG A 277 -45.88 0.85 -6.05
C ARG A 277 -46.69 -0.29 -6.67
N GLN A 278 -46.33 -0.74 -7.86
CA GLN A 278 -47.10 -1.80 -8.50
C GLN A 278 -46.98 -3.13 -7.77
N GLU A 279 -46.06 -3.25 -6.81
CA GLU A 279 -45.94 -4.43 -5.98
C GLU A 279 -46.70 -4.30 -4.66
N ALA A 280 -47.47 -3.24 -4.49
CA ALA A 280 -48.21 -3.03 -3.24
C ALA A 280 -49.26 -4.11 -3.05
N ALA A 281 -49.37 -4.61 -1.81
CA ALA A 281 -50.39 -5.60 -1.50
C ALA A 281 -51.78 -4.97 -1.46
N ASN A 282 -51.86 -3.68 -1.18
CA ASN A 282 -53.13 -2.94 -1.12
C ASN A 282 -53.03 -1.72 -2.03
N PRO A 283 -53.29 -1.89 -3.32
CA PRO A 283 -53.20 -0.74 -4.24
C PRO A 283 -54.17 0.38 -3.91
N GLU A 284 -55.34 0.06 -3.34
CA GLU A 284 -56.32 1.10 -3.02
C GLU A 284 -55.86 1.99 -1.87
N SER A 285 -54.95 1.52 -1.03
CA SER A 285 -54.42 2.32 0.06
C SER A 285 -53.16 3.08 -0.32
N LEU A 286 -52.72 2.99 -1.56
CA LEU A 286 -51.53 3.70 -1.99
C LEU A 286 -51.81 5.20 -2.05
N PRO A 287 -50.98 6.04 -1.45
CA PRO A 287 -51.20 7.48 -1.56
C PRO A 287 -50.99 7.94 -3.00
N PRO A 288 -51.71 8.98 -3.43
CA PRO A 288 -51.46 9.53 -4.75
C PRO A 288 -50.00 9.91 -4.94
N VAL A 289 -49.54 9.82 -6.19
CA VAL A 289 -48.21 10.27 -6.56
C VAL A 289 -48.17 11.80 -6.53
N ARG A 290 -47.43 12.36 -5.58
CA ARG A 290 -47.34 13.80 -5.46
C ARG A 290 -46.47 14.38 -6.56
N ALA A 291 -46.80 15.60 -7.00
CA ALA A 291 -46.00 16.30 -7.99
C ALA A 291 -44.81 16.94 -7.29
N ILE A 292 -43.64 16.34 -7.43
CA ILE A 292 -42.41 16.83 -6.83
C ILE A 292 -41.44 17.18 -7.95
N PRO A 293 -41.40 18.45 -8.37
CA PRO A 293 -40.47 18.85 -9.44
C PRO A 293 -39.04 18.90 -8.91
N LEU A 294 -38.16 18.11 -9.54
CA LEU A 294 -36.76 18.15 -9.17
C LEU A 294 -36.14 19.47 -9.63
N PRO A 295 -35.15 19.97 -8.89
CA PRO A 295 -34.52 21.23 -9.29
C PRO A 295 -33.87 21.09 -10.65
N PRO A 296 -33.85 22.16 -11.44
CA PRO A 296 -33.24 22.08 -12.77
C PRO A 296 -31.78 21.67 -12.69
N GLY A 297 -31.36 20.80 -13.61
CA GLY A 297 -30.02 20.26 -13.59
C GLY A 297 -29.81 19.08 -12.67
N TRP A 298 -30.87 18.56 -12.06
CA TRP A 298 -30.75 17.42 -11.17
C TRP A 298 -30.11 16.25 -11.91
N PRO A 299 -29.18 15.53 -11.26
CA PRO A 299 -28.77 15.62 -9.86
C PRO A 299 -27.71 16.68 -9.56
N ILE A 300 -27.40 17.60 -10.47
CA ILE A 300 -26.42 18.64 -10.18
C ILE A 300 -27.07 20.01 -10.38
N PRO A 301 -27.77 20.52 -9.37
CA PRO A 301 -28.35 21.87 -9.50
C PRO A 301 -27.27 22.94 -9.47
N GLU A 302 -27.58 24.07 -10.10
CA GLU A 302 -26.63 25.18 -10.12
C GLU A 302 -26.51 25.84 -8.76
N GLU A 303 -27.55 25.76 -7.93
CA GLU A 303 -27.52 26.33 -6.60
C GLU A 303 -28.03 25.30 -5.59
N PRO A 304 -27.49 25.29 -4.38
CA PRO A 304 -27.97 24.36 -3.36
C PRO A 304 -29.43 24.60 -3.01
N ILE A 305 -30.13 23.51 -2.67
CA ILE A 305 -31.55 23.59 -2.35
C ILE A 305 -31.83 23.54 -0.85
N GLY A 306 -30.91 23.03 -0.05
CA GLY A 306 -31.10 22.97 1.38
C GLY A 306 -31.70 21.66 1.86
N LEU A 307 -31.54 21.42 3.15
CA LEU A 307 -31.92 20.13 3.73
C LEU A 307 -33.43 19.93 3.71
N GLU A 308 -34.20 21.00 3.96
CA GLU A 308 -35.65 20.86 3.97
C GLU A 308 -36.20 20.49 2.60
N ARG A 309 -35.74 21.19 1.56
CA ARG A 309 -36.16 20.86 0.20
C ARG A 309 -35.68 19.48 -0.20
N TYR A 310 -34.46 19.11 0.21
CA TYR A 310 -33.95 17.78 -0.12
C TYR A 310 -34.81 16.69 0.52
N MET A 311 -35.18 16.86 1.79
CA MET A 311 -36.09 15.92 2.43
C MET A 311 -37.44 15.87 1.73
N ARG A 312 -37.98 17.03 1.36
CA ARG A 312 -39.29 17.05 0.71
C ARG A 312 -39.24 16.40 -0.66
N LEU A 313 -38.06 16.34 -1.28
CA LEU A 313 -37.91 15.66 -2.56
C LEU A 313 -38.21 14.17 -2.47
N GLY A 314 -38.19 13.59 -1.27
CA GLY A 314 -38.46 12.18 -1.12
C GLY A 314 -39.75 11.86 -0.37
N ASP A 315 -40.77 12.69 -0.58
CA ASP A 315 -42.04 12.55 0.13
C ASP A 315 -42.96 11.50 -0.49
N ASN A 316 -42.68 11.06 -1.72
CA ASN A 316 -43.57 10.16 -2.44
C ASN A 316 -43.25 8.70 -2.13
N ASN A 317 -42.14 8.44 -1.45
CA ASN A 317 -41.78 7.12 -0.91
C ASN A 317 -41.38 7.30 0.55
N GLY A 318 -41.14 6.18 1.22
CA GLY A 318 -40.68 6.22 2.59
C GLY A 318 -41.78 5.83 3.57
N SER A 319 -41.99 6.67 4.58
CA SER A 319 -42.96 6.35 5.63
C SER A 319 -44.36 6.17 5.06
N ALA A 320 -44.75 7.04 4.13
CA ALA A 320 -46.08 6.95 3.53
C ALA A 320 -46.25 5.66 2.74
N LEU A 321 -45.21 5.25 2.01
CA LEU A 321 -45.35 4.17 1.04
C LEU A 321 -44.98 2.81 1.63
N LEU A 322 -44.06 2.77 2.59
CA LEU A 322 -43.49 1.51 3.04
C LEU A 322 -44.29 0.84 4.16
N LYS A 323 -45.40 1.43 4.60
CA LYS A 323 -46.26 0.72 5.53
C LYS A 323 -46.97 -0.47 4.89
N ASP A 324 -47.00 -0.51 3.56
CA ASP A 324 -47.54 -1.67 2.85
C ASP A 324 -46.50 -2.79 2.83
N PRO A 325 -46.84 -4.00 3.26
CA PRO A 325 -45.84 -5.08 3.29
C PRO A 325 -45.24 -5.40 1.93
N GLY A 326 -46.07 -5.40 0.88
CA GLY A 326 -45.53 -5.64 -0.46
C GLY A 326 -44.62 -4.53 -0.93
N CYS A 327 -44.95 -3.29 -0.57
CA CYS A 327 -44.10 -2.17 -0.91
C CYS A 327 -42.73 -2.29 -0.26
N LEU A 328 -42.70 -2.66 1.03
CA LEU A 328 -41.42 -2.84 1.72
C LEU A 328 -40.64 -4.01 1.14
N ARG A 329 -41.34 -5.10 0.82
CA ARG A 329 -40.76 -6.21 0.07
C ARG A 329 -40.03 -5.73 -1.18
N ALA A 330 -40.75 -5.02 -2.06
CA ALA A 330 -40.17 -4.57 -3.30
C ALA A 330 -39.05 -3.56 -3.07
N GLN A 331 -39.20 -2.72 -2.05
CA GLN A 331 -38.17 -1.76 -1.69
C GLN A 331 -36.86 -2.47 -1.39
N CYS A 332 -36.91 -3.47 -0.50
CA CYS A 332 -35.71 -4.22 -0.13
C CYS A 332 -35.12 -4.98 -1.32
N ARG A 333 -35.97 -5.63 -2.11
CA ARG A 333 -35.47 -6.38 -3.26
C ARG A 333 -34.77 -5.47 -4.26
N LEU A 334 -35.40 -4.36 -4.63
CA LEU A 334 -34.82 -3.48 -5.63
C LEU A 334 -33.58 -2.77 -5.08
N LEU A 335 -33.55 -2.48 -3.78
CA LEU A 335 -32.33 -1.92 -3.20
C LEU A 335 -31.18 -2.92 -3.24
N TYR A 336 -31.47 -4.19 -2.96
CA TYR A 336 -30.42 -5.20 -3.06
C TYR A 336 -29.94 -5.34 -4.51
N GLU A 337 -30.85 -5.28 -5.46
CA GLU A 337 -30.44 -5.35 -6.86
C GLU A 337 -29.61 -4.14 -7.26
N ALA A 338 -29.93 -2.96 -6.71
CA ALA A 338 -29.12 -1.77 -6.96
C ALA A 338 -27.72 -1.93 -6.38
N LEU A 339 -27.63 -2.50 -5.18
CA LEU A 339 -26.31 -2.76 -4.58
C LEU A 339 -25.53 -3.77 -5.40
N LEU A 340 -26.20 -4.80 -5.93
CA LEU A 340 -25.52 -5.80 -6.74
C LEU A 340 -25.02 -5.21 -8.06
N ALA A 341 -25.85 -4.41 -8.73
CA ALA A 341 -25.48 -3.87 -10.02
C ALA A 341 -24.31 -2.91 -9.92
N ASP A 342 -24.13 -2.29 -8.76
CA ASP A 342 -23.04 -1.36 -8.51
C ASP A 342 -21.79 -2.06 -8.00
N HIS A 343 -21.79 -3.39 -7.96
CA HIS A 343 -20.68 -4.18 -7.45
C HIS A 343 -20.33 -3.84 -6.00
N VAL A 344 -21.36 -3.56 -5.20
CA VAL A 344 -21.15 -3.27 -3.79
C VAL A 344 -20.94 -4.58 -3.03
N ALA A 345 -19.87 -4.64 -2.23
CA ALA A 345 -19.53 -5.85 -1.50
C ALA A 345 -20.10 -5.87 -0.09
N TYR A 346 -20.17 -4.72 0.58
CA TYR A 346 -20.72 -4.61 1.93
C TYR A 346 -21.60 -3.38 1.99
N ALA A 347 -22.74 -3.50 2.65
CA ALA A 347 -23.68 -2.40 2.78
C ALA A 347 -24.27 -2.37 4.18
N GLU A 348 -24.44 -1.17 4.72
CA GLU A 348 -25.17 -0.94 5.96
C GLU A 348 -26.36 -0.04 5.65
N ILE A 349 -27.56 -0.62 5.68
CA ILE A 349 -28.77 0.09 5.28
C ILE A 349 -29.46 0.64 6.51
N ARG A 350 -29.74 1.94 6.50
CA ARG A 350 -30.39 2.61 7.60
C ARG A 350 -31.90 2.58 7.40
N CYS A 351 -32.63 2.20 8.45
CA CYS A 351 -34.07 2.09 8.37
C CYS A 351 -34.67 2.51 9.70
N SER A 352 -35.94 2.90 9.65
CA SER A 352 -36.72 3.26 10.83
C SER A 352 -37.94 2.34 10.85
N PRO A 353 -37.82 1.16 11.47
CA PRO A 353 -38.95 0.21 11.45
C PRO A 353 -40.23 0.77 12.06
N ALA A 354 -40.12 1.65 13.05
CA ALA A 354 -41.30 2.27 13.63
C ALA A 354 -41.97 3.26 12.70
N ASN A 355 -41.22 3.86 11.77
CA ASN A 355 -41.83 4.72 10.76
C ASN A 355 -42.70 3.94 9.79
N TYR A 356 -42.44 2.63 9.64
CA TYR A 356 -43.20 1.78 8.73
C TYR A 356 -44.17 0.86 9.47
N ALA A 357 -44.39 1.10 10.76
CA ALA A 357 -45.25 0.25 11.56
C ALA A 357 -46.71 0.66 11.42
N SER A 358 -47.60 -0.31 11.55
CA SER A 358 -49.04 -0.07 11.44
C SER A 358 -49.76 -0.57 12.68
N ALA A 359 -51.10 -0.57 12.64
CA ALA A 359 -51.88 -1.06 13.77
C ALA A 359 -51.64 -2.56 13.99
N SER A 360 -51.60 -3.33 12.91
CA SER A 360 -51.37 -4.76 12.99
C SER A 360 -49.92 -5.14 12.72
N ARG A 361 -49.03 -4.17 12.56
CA ARG A 361 -47.63 -4.42 12.23
C ARG A 361 -46.76 -3.65 13.21
N SER A 362 -46.22 -4.33 14.21
CA SER A 362 -45.36 -3.69 15.19
C SER A 362 -44.00 -3.37 14.56
N PRO A 363 -43.24 -2.45 15.17
CA PRO A 363 -41.90 -2.17 14.64
C PRO A 363 -41.00 -3.40 14.58
N TRP A 364 -41.16 -4.33 15.53
CA TRP A 364 -40.40 -5.57 15.47
C TRP A 364 -40.78 -6.39 14.26
N VAL A 365 -42.07 -6.42 13.91
CA VAL A 365 -42.51 -7.13 12.71
C VAL A 365 -41.88 -6.53 11.47
N VAL A 366 -41.85 -5.19 11.39
CA VAL A 366 -41.28 -4.51 10.23
C VAL A 366 -39.78 -4.79 10.14
N LEU A 367 -39.07 -4.73 11.28
CA LEU A 367 -37.64 -5.00 11.27
C LEU A 367 -37.36 -6.44 10.88
N GLN A 368 -38.16 -7.38 11.37
CA GLN A 368 -38.00 -8.78 11.01
C GLN A 368 -38.23 -8.99 9.52
N GLU A 369 -39.24 -8.34 8.95
CA GLU A 369 -39.49 -8.45 7.52
C GLU A 369 -38.34 -7.86 6.71
N ILE A 370 -37.83 -6.69 7.12
CA ILE A 370 -36.71 -6.09 6.41
C ILE A 370 -35.49 -7.02 6.44
N ARG A 371 -35.18 -7.55 7.63
CA ARG A 371 -34.03 -8.44 7.76
C ARG A 371 -34.20 -9.69 6.92
N ASN A 372 -35.40 -10.28 6.92
CA ASN A 372 -35.61 -11.50 6.16
C ASN A 372 -35.60 -11.25 4.65
N HIS A 373 -36.12 -10.12 4.20
CA HIS A 373 -36.03 -9.79 2.78
C HIS A 373 -34.57 -9.67 2.36
N PHE A 374 -33.76 -8.95 3.15
CA PHE A 374 -32.36 -8.81 2.80
C PHE A 374 -31.61 -10.14 2.88
N GLN A 375 -31.95 -10.97 3.87
CA GLN A 375 -31.31 -12.27 4.01
C GLN A 375 -31.62 -13.17 2.83
N GLN A 376 -32.89 -13.22 2.41
CA GLN A 376 -33.26 -14.00 1.24
C GLN A 376 -32.60 -13.46 -0.01
N ALA A 377 -32.47 -12.13 -0.12
CA ALA A 377 -31.77 -11.56 -1.26
C ALA A 377 -30.31 -12.02 -1.30
N MET A 378 -29.64 -12.04 -0.14
CA MET A 378 -28.26 -12.51 -0.09
C MET A 378 -28.17 -14.01 -0.41
N GLU A 379 -29.20 -14.77 -0.04
CA GLU A 379 -29.16 -16.22 -0.27
C GLU A 379 -29.36 -16.59 -1.74
N GLU A 380 -30.09 -15.79 -2.51
CA GLU A 380 -30.33 -16.14 -3.91
C GLU A 380 -29.13 -15.85 -4.82
N THR A 381 -28.16 -15.08 -4.35
CA THR A 381 -27.06 -14.70 -5.23
C THR A 381 -25.79 -15.47 -4.88
N PRO A 382 -24.96 -15.79 -5.87
CA PRO A 382 -23.71 -16.52 -5.58
C PRO A 382 -22.79 -15.73 -4.67
N GLU A 383 -21.99 -16.46 -3.89
CA GLU A 383 -21.19 -15.85 -2.84
C GLU A 383 -20.13 -14.90 -3.39
N ASP A 384 -19.62 -15.17 -4.60
CA ASP A 384 -18.60 -14.28 -5.16
C ASP A 384 -19.15 -12.88 -5.40
N ARG A 385 -20.37 -12.79 -5.93
CA ARG A 385 -21.01 -11.52 -6.21
C ARG A 385 -21.96 -11.11 -5.09
N ARG A 386 -22.03 -11.88 -4.02
CA ARG A 386 -22.99 -11.61 -2.94
C ARG A 386 -22.60 -10.37 -2.16
N CYS A 387 -23.55 -9.44 -2.06
CA CYS A 387 -23.39 -8.25 -1.22
C CYS A 387 -23.90 -8.57 0.17
N HIS A 388 -23.08 -8.29 1.18
CA HIS A 388 -23.51 -8.50 2.55
C HIS A 388 -24.18 -7.24 3.08
N VAL A 389 -25.40 -7.39 3.60
CA VAL A 389 -26.19 -6.27 4.10
C VAL A 389 -26.32 -6.40 5.61
N ASN A 390 -25.96 -5.34 6.32
CA ASN A 390 -26.23 -5.19 7.74
C ASN A 390 -27.17 -4.01 7.92
N LEU A 391 -27.86 -3.96 9.06
CA LEU A 391 -28.89 -2.96 9.29
C LEU A 391 -28.48 -2.02 10.41
N LEU A 392 -28.72 -0.73 10.20
CA LEU A 392 -28.66 0.29 11.25
C LEU A 392 -30.06 0.82 11.48
N LEU A 393 -30.43 1.00 12.75
CA LEU A 393 -31.73 1.53 13.11
C LEU A 393 -31.60 3.02 13.36
N THR A 394 -32.39 3.82 12.64
CA THR A 394 -32.28 5.27 12.66
C THR A 394 -33.11 5.85 13.79
N ALA A 395 -32.45 6.61 14.68
CA ALA A 395 -33.12 7.24 15.81
C ALA A 395 -33.42 8.70 15.45
N THR A 396 -34.51 8.89 14.72
CA THR A 396 -35.02 10.21 14.44
C THR A 396 -36.32 10.44 15.20
N ARG A 397 -36.50 11.66 15.69
CA ARG A 397 -37.66 12.01 16.49
C ARG A 397 -38.22 13.32 15.96
N GLU A 398 -39.18 13.89 16.69
CA GLU A 398 -39.89 15.07 16.26
C GLU A 398 -39.56 16.24 17.17
N GLU A 399 -39.79 17.45 16.66
CA GLU A 399 -39.61 18.65 17.46
C GLU A 399 -40.56 18.63 18.64
N GLY A 400 -40.01 18.57 19.85
CA GLY A 400 -40.83 18.34 21.02
C GLY A 400 -41.49 16.98 21.00
N GLY A 401 -40.76 15.94 20.63
CA GLY A 401 -41.32 14.62 20.46
C GLY A 401 -41.34 13.79 21.73
N ASP A 402 -40.70 12.63 21.70
CA ASP A 402 -40.79 11.68 22.80
C ASP A 402 -39.41 11.11 23.11
N ARG A 403 -39.08 11.05 24.41
CA ARG A 403 -37.96 10.21 24.83
C ARG A 403 -38.35 8.75 24.84
N SER A 404 -39.65 8.46 24.99
CA SER A 404 -40.14 7.10 24.89
C SER A 404 -39.91 6.53 23.49
N ARG A 405 -39.97 7.39 22.46
CA ARG A 405 -39.62 6.94 21.11
C ARG A 405 -38.17 6.48 21.04
N ILE A 406 -37.25 7.25 21.62
CA ILE A 406 -35.85 6.84 21.62
C ILE A 406 -35.65 5.58 22.44
N ALA A 407 -36.35 5.47 23.57
CA ALA A 407 -36.25 4.27 24.39
C ALA A 407 -36.71 3.04 23.63
N ARG A 408 -37.84 3.15 22.92
CA ARG A 408 -38.33 2.05 22.11
C ARG A 408 -37.35 1.70 21.00
N HIS A 409 -36.77 2.72 20.35
CA HIS A 409 -35.82 2.48 19.27
C HIS A 409 -34.60 1.72 19.78
N LEU A 410 -34.05 2.14 20.92
CA LEU A 410 -32.87 1.48 21.46
C LEU A 410 -33.20 0.09 21.97
N ALA A 411 -34.39 -0.10 22.55
CA ALA A 411 -34.78 -1.43 22.98
C ALA A 411 -34.93 -2.37 21.78
N LEU A 412 -35.51 -1.88 20.69
CA LEU A 412 -35.63 -2.68 19.48
C LEU A 412 -34.26 -3.03 18.93
N ALA A 413 -33.33 -2.07 18.95
CA ALA A 413 -31.98 -2.33 18.48
C ALA A 413 -31.30 -3.39 19.34
N ILE A 414 -31.43 -3.30 20.66
CA ILE A 414 -30.82 -4.28 21.55
C ILE A 414 -31.42 -5.65 21.34
N THR A 415 -32.75 -5.74 21.22
CA THR A 415 -33.40 -7.02 21.00
C THR A 415 -32.98 -7.64 19.67
N ALA A 416 -32.89 -6.82 18.62
CA ALA A 416 -32.49 -7.34 17.32
C ALA A 416 -31.02 -7.75 17.29
N ALA A 417 -30.18 -7.05 18.05
CA ALA A 417 -28.76 -7.39 18.10
C ALA A 417 -28.53 -8.79 18.65
N GLU A 418 -29.46 -9.32 19.43
CA GLU A 418 -29.36 -10.67 19.96
C GLU A 418 -30.17 -11.69 19.18
N HIS A 419 -31.21 -11.26 18.47
CA HIS A 419 -32.06 -12.20 17.74
C HIS A 419 -31.31 -12.83 16.58
N TRP A 420 -30.49 -12.05 15.86
CA TRP A 420 -29.81 -12.50 14.66
C TRP A 420 -28.30 -12.40 14.87
N LYS A 421 -27.58 -13.45 14.49
CA LYS A 421 -26.14 -13.50 14.59
C LYS A 421 -25.47 -13.93 13.29
N ASN A 422 -26.24 -14.35 12.30
CA ASN A 422 -25.74 -14.76 11.00
C ASN A 422 -26.47 -14.00 9.91
N GLY A 423 -25.78 -13.81 8.78
CA GLY A 423 -26.37 -13.09 7.67
C GLY A 423 -26.65 -11.64 8.04
N CYS A 424 -27.86 -11.19 7.72
CA CYS A 424 -28.24 -9.81 8.01
C CYS A 424 -28.36 -9.62 9.52
N ARG A 425 -27.70 -8.58 10.03
CA ARG A 425 -27.69 -8.31 11.46
C ARG A 425 -27.96 -6.83 11.69
N VAL A 426 -28.62 -6.53 12.80
CA VAL A 426 -28.73 -5.15 13.26
C VAL A 426 -27.48 -4.83 14.06
N VAL A 427 -26.60 -4.01 13.49
CA VAL A 427 -25.24 -3.85 13.99
C VAL A 427 -25.00 -2.51 14.66
N GLY A 428 -25.98 -1.62 14.67
CA GLY A 428 -25.78 -0.34 15.32
C GLY A 428 -27.03 0.50 15.25
N VAL A 429 -26.92 1.69 15.83
CA VAL A 429 -28.00 2.69 15.84
C VAL A 429 -27.48 3.96 15.19
N ASP A 430 -28.33 4.58 14.37
CA ASP A 430 -28.02 5.84 13.72
C ASP A 430 -28.83 6.93 14.40
N LEU A 431 -28.13 7.83 15.12
CA LEU A 431 -28.79 8.92 15.85
C LEU A 431 -28.99 10.08 14.88
N ALA A 432 -30.08 9.99 14.11
CA ALA A 432 -30.39 11.01 13.12
C ALA A 432 -30.73 12.33 13.80
N GLY A 433 -30.91 13.36 12.99
CA GLY A 433 -31.09 14.70 13.52
C GLY A 433 -29.79 15.19 14.13
N PHE A 434 -29.76 15.30 15.46
CA PHE A 434 -28.54 15.66 16.20
C PHE A 434 -28.04 17.05 15.82
N GLU A 435 -28.77 17.74 14.96
CA GLU A 435 -28.44 19.10 14.57
C GLU A 435 -29.12 20.12 15.49
N ASP A 436 -30.41 19.96 15.71
CA ASP A 436 -31.10 20.78 16.70
C ASP A 436 -30.72 20.34 18.10
N ARG A 437 -30.69 21.31 19.02
CA ARG A 437 -30.31 21.05 20.40
C ARG A 437 -31.45 20.50 21.25
N THR A 438 -32.69 20.50 20.72
CA THR A 438 -33.79 19.89 21.46
C THR A 438 -33.69 18.38 21.46
N THR A 439 -33.38 17.78 20.30
CA THR A 439 -33.19 16.34 20.21
C THR A 439 -31.79 15.91 20.61
N ARG A 440 -30.79 16.78 20.38
CA ARG A 440 -29.43 16.43 20.74
C ARG A 440 -29.26 16.33 22.25
N ALA A 441 -29.96 17.19 23.01
CA ALA A 441 -29.92 17.10 24.46
C ALA A 441 -30.59 15.84 24.96
N ALA A 442 -31.66 15.38 24.30
CA ALA A 442 -32.30 14.14 24.69
C ALA A 442 -31.39 12.94 24.46
N MET A 443 -30.51 13.00 23.46
CA MET A 443 -29.56 11.92 23.23
C MET A 443 -28.61 11.76 24.40
N PHE A 444 -28.11 12.89 24.94
CA PHE A 444 -27.17 12.83 26.05
C PHE A 444 -27.86 12.51 27.37
N ALA A 445 -29.17 12.72 27.47
CA ALA A 445 -29.94 12.32 28.63
C ALA A 445 -30.36 10.86 28.58
N THR A 446 -30.01 10.15 27.51
CA THR A 446 -30.32 8.74 27.35
C THR A 446 -29.08 7.92 27.65
N ASP A 447 -29.27 6.82 28.37
CA ASP A 447 -28.17 5.90 28.67
C ASP A 447 -27.94 4.99 27.46
N PHE A 448 -26.79 5.13 26.83
CA PHE A 448 -26.42 4.29 25.69
C PHE A 448 -25.53 3.13 26.09
N GLU A 449 -25.26 2.96 27.38
CA GLU A 449 -24.50 1.79 27.83
C GLU A 449 -25.16 0.47 27.46
N PRO A 450 -26.47 0.28 27.58
CA PRO A 450 -27.07 -0.96 27.06
C PRO A 450 -26.78 -1.18 25.59
N VAL A 451 -26.76 -0.11 24.80
CA VAL A 451 -26.40 -0.21 23.39
C VAL A 451 -24.94 -0.63 23.24
N HIS A 452 -24.06 -0.05 24.07
CA HIS A 452 -22.63 -0.37 23.97
C HIS A 452 -22.34 -1.81 24.36
N ARG A 453 -23.06 -2.35 25.35
CA ARG A 453 -22.73 -3.69 25.84
C ARG A 453 -23.19 -4.77 24.87
N VAL A 454 -24.38 -4.63 24.29
CA VAL A 454 -24.87 -5.66 23.38
C VAL A 454 -24.10 -5.71 22.07
N GLY A 455 -23.10 -4.83 21.89
CA GLY A 455 -22.27 -4.85 20.73
C GLY A 455 -22.68 -3.88 19.64
N LEU A 456 -23.78 -3.15 19.81
CA LEU A 456 -24.18 -2.17 18.82
C LEU A 456 -23.25 -0.97 18.84
N ALA A 457 -22.99 -0.44 17.66
CA ALA A 457 -22.19 0.77 17.53
C ALA A 457 -23.10 1.96 17.28
N VAL A 458 -22.52 3.16 17.35
CA VAL A 458 -23.28 4.40 17.27
C VAL A 458 -22.70 5.26 16.16
N THR A 459 -23.57 5.76 15.28
CA THR A 459 -23.22 6.76 14.28
C THR A 459 -24.24 7.90 14.37
N VAL A 460 -23.77 9.11 14.15
CA VAL A 460 -24.60 10.31 14.30
C VAL A 460 -24.51 11.16 13.04
N HIS A 461 -25.64 11.75 12.65
CA HIS A 461 -25.66 12.79 11.62
C HIS A 461 -25.28 14.10 12.28
N ALA A 462 -23.98 14.30 12.46
CA ALA A 462 -23.45 15.49 13.12
C ALA A 462 -22.34 16.09 12.29
N GLY A 463 -22.33 17.43 12.23
CA GLY A 463 -21.38 18.16 11.41
C GLY A 463 -21.92 18.69 10.11
N GLU A 464 -23.21 18.49 9.83
CA GLU A 464 -23.80 19.00 8.60
C GLU A 464 -23.92 20.52 8.65
N ASN A 465 -24.71 21.04 9.60
CA ASN A 465 -24.85 22.48 9.79
C ASN A 465 -24.88 22.84 11.26
N ASP A 466 -24.19 22.08 12.10
CA ASP A 466 -24.27 22.29 13.54
C ASP A 466 -22.89 22.50 14.17
N ASP A 467 -22.84 22.51 15.50
CA ASP A 467 -21.64 22.86 16.23
C ASP A 467 -20.64 21.70 16.26
N VAL A 468 -19.39 22.04 16.55
CA VAL A 468 -18.37 21.03 16.80
C VAL A 468 -18.45 20.48 18.22
N GLU A 469 -19.10 21.21 19.13
CA GLU A 469 -19.32 20.69 20.48
C GLU A 469 -20.16 19.43 20.45
N GLY A 470 -21.15 19.38 19.56
CA GLY A 470 -21.89 18.15 19.36
C GLY A 470 -21.00 17.02 18.87
N ILE A 471 -20.01 17.33 18.04
CA ILE A 471 -19.06 16.32 17.59
C ILE A 471 -18.26 15.78 18.78
N TRP A 472 -17.79 16.67 19.65
CA TRP A 472 -17.09 16.23 20.85
C TRP A 472 -17.98 15.34 21.70
N GLN A 473 -19.22 15.74 21.91
CA GLN A 473 -20.15 14.96 22.74
C GLN A 473 -20.39 13.58 22.14
N ALA A 474 -20.61 13.51 20.83
CA ALA A 474 -20.83 12.24 20.18
C ALA A 474 -19.60 11.35 20.29
N VAL A 475 -18.42 11.93 20.11
CA VAL A 475 -17.19 11.14 20.12
C VAL A 475 -16.93 10.56 21.49
N PHE A 476 -17.07 11.37 22.53
CA PHE A 476 -16.59 10.97 23.84
C PHE A 476 -17.71 10.56 24.79
N LYS A 477 -18.87 11.20 24.69
CA LYS A 477 -19.98 10.91 25.59
C LYS A 477 -21.02 9.97 24.98
N LEU A 478 -21.06 9.84 23.66
CA LEU A 478 -21.91 8.84 23.01
C LEU A 478 -21.12 7.65 22.48
N SER A 479 -19.79 7.70 22.51
CA SER A 479 -18.93 6.65 21.95
C SER A 479 -19.28 6.35 20.51
N ALA A 480 -19.57 7.41 19.74
CA ALA A 480 -19.85 7.25 18.33
C ALA A 480 -18.58 6.84 17.59
N ARG A 481 -18.71 5.84 16.72
CA ARG A 481 -17.59 5.39 15.90
C ARG A 481 -17.56 6.03 14.53
N ARG A 482 -18.67 6.58 14.06
CA ARG A 482 -18.75 7.22 12.76
C ARG A 482 -19.53 8.52 12.88
N LEU A 483 -19.23 9.47 11.99
CA LEU A 483 -19.87 10.77 11.97
C LEU A 483 -20.52 10.98 10.61
N GLY A 484 -21.81 11.33 10.61
CA GLY A 484 -22.51 11.57 9.36
C GLY A 484 -22.16 12.94 8.81
N HIS A 485 -21.77 12.97 7.52
CA HIS A 485 -21.37 14.19 6.85
C HIS A 485 -20.16 14.84 7.53
N ALA A 486 -20.39 15.79 8.43
CA ALA A 486 -19.32 16.46 9.16
C ALA A 486 -18.34 17.14 8.20
N LEU A 487 -18.85 18.15 7.50
CA LEU A 487 -18.08 18.84 6.48
C LEU A 487 -17.31 20.04 7.02
N HIS A 488 -17.42 20.34 8.32
CA HIS A 488 -16.76 21.50 8.91
C HIS A 488 -15.75 21.08 9.99
N LEU A 489 -15.23 19.86 9.88
CA LEU A 489 -14.29 19.36 10.86
C LEU A 489 -12.93 20.04 10.76
N SER A 490 -12.55 20.51 9.58
CA SER A 490 -11.25 21.14 9.39
C SER A 490 -11.18 22.55 9.95
N ARG A 491 -12.31 23.15 10.34
CA ARG A 491 -12.28 24.47 10.96
C ARG A 491 -11.57 24.43 12.30
N SER A 492 -11.81 23.38 13.09
CA SER A 492 -11.14 23.22 14.38
C SER A 492 -10.05 22.19 14.23
N PRO A 493 -8.77 22.58 14.23
CA PRO A 493 -7.71 21.59 14.03
C PRO A 493 -7.62 20.56 15.14
N ASP A 494 -7.96 20.91 16.38
CA ASP A 494 -7.85 19.96 17.48
C ASP A 494 -8.89 18.86 17.36
N LEU A 495 -10.13 19.22 17.04
CA LEU A 495 -11.16 18.21 16.82
C LEU A 495 -10.83 17.35 15.60
N LEU A 496 -10.26 17.96 14.56
CA LEU A 496 -9.83 17.19 13.40
C LEU A 496 -8.75 16.19 13.77
N ARG A 497 -7.77 16.59 14.58
CA ARG A 497 -6.73 15.67 15.01
C ARG A 497 -7.30 14.56 15.89
N VAL A 498 -8.24 14.91 16.76
CA VAL A 498 -8.85 13.88 17.61
C VAL A 498 -9.60 12.86 16.78
N VAL A 499 -10.35 13.34 15.77
CA VAL A 499 -11.06 12.43 14.87
C VAL A 499 -10.07 11.55 14.11
N ALA A 500 -8.99 12.15 13.62
CA ALA A 500 -8.02 11.39 12.84
C ALA A 500 -7.33 10.32 13.69
N GLU A 501 -6.93 10.66 14.91
CA GLU A 501 -6.18 9.73 15.75
C GLU A 501 -7.07 8.66 16.37
N ARG A 502 -8.30 9.03 16.75
CA ARG A 502 -9.23 8.05 17.33
C ARG A 502 -9.77 7.08 16.31
N GLY A 503 -9.55 7.31 15.01
CA GLY A 503 -10.06 6.42 13.99
C GLY A 503 -11.52 6.61 13.65
N ILE A 504 -12.13 7.70 14.11
CA ILE A 504 -13.54 7.94 13.83
C ILE A 504 -13.74 8.18 12.35
N ALA A 505 -14.70 7.47 11.76
CA ALA A 505 -14.97 7.60 10.34
C ALA A 505 -15.87 8.81 10.08
N VAL A 506 -15.65 9.45 8.94
CA VAL A 506 -16.48 10.56 8.49
C VAL A 506 -17.21 10.09 7.25
N GLU A 507 -18.54 10.12 7.29
CA GLU A 507 -19.39 9.61 6.23
C GLU A 507 -19.74 10.75 5.28
N LEU A 508 -18.94 10.93 4.23
CA LEU A 508 -19.22 11.93 3.23
C LEU A 508 -20.16 11.37 2.16
N CYS A 509 -21.08 12.21 1.70
CA CYS A 509 -22.04 11.85 0.66
C CYS A 509 -21.93 12.89 -0.45
N PRO A 510 -21.06 12.68 -1.43
CA PRO A 510 -20.75 13.76 -2.38
C PRO A 510 -21.97 14.37 -3.08
N TYR A 511 -22.83 13.55 -3.66
CA TYR A 511 -24.00 14.11 -4.35
C TYR A 511 -24.96 14.79 -3.39
N ALA A 512 -25.27 14.14 -2.26
CA ALA A 512 -26.17 14.75 -1.30
C ALA A 512 -25.58 16.03 -0.72
N ASN A 513 -24.27 16.05 -0.46
CA ASN A 513 -23.63 17.25 0.05
C ASN A 513 -23.65 18.37 -0.98
N LEU A 514 -23.46 18.03 -2.26
CA LEU A 514 -23.50 19.04 -3.32
C LEU A 514 -24.92 19.56 -3.53
N GLN A 515 -25.93 18.73 -3.28
CA GLN A 515 -27.31 19.13 -3.53
C GLN A 515 -27.87 19.94 -2.37
N ILE A 516 -27.65 19.49 -1.14
CA ILE A 516 -28.15 20.17 0.05
C ILE A 516 -27.32 21.43 0.30
N LYS A 517 -26.00 21.25 0.41
CA LYS A 517 -25.09 22.36 0.58
C LYS A 517 -24.56 22.82 -0.78
N GLY A 518 -23.61 23.76 -0.75
CA GLY A 518 -22.99 24.23 -1.95
C GLY A 518 -21.50 23.95 -1.93
N PHE A 519 -20.99 23.54 -3.09
CA PHE A 519 -19.57 23.26 -3.25
C PHE A 519 -19.17 23.54 -4.69
N PRO A 520 -18.03 24.19 -4.90
CA PRO A 520 -17.56 24.43 -6.27
C PRO A 520 -17.23 23.12 -6.98
N LEU A 521 -17.40 23.14 -8.30
CA LEU A 521 -17.17 21.97 -9.13
C LEU A 521 -16.13 22.28 -10.18
N ASP A 522 -15.19 21.35 -10.38
CA ASP A 522 -14.19 21.44 -11.44
C ASP A 522 -13.39 22.74 -11.35
N GLU A 523 -13.06 23.14 -10.12
CA GLU A 523 -12.33 24.37 -9.89
C GLU A 523 -10.83 24.24 -10.13
N GLU A 524 -10.34 23.01 -10.34
CA GLU A 524 -8.98 22.67 -10.79
C GLU A 524 -7.90 23.17 -9.84
N GLN A 525 -8.31 23.84 -8.76
CA GLN A 525 -7.39 24.33 -7.74
C GLN A 525 -8.17 24.51 -6.44
N GLU A 526 -7.59 24.07 -5.33
CA GLU A 526 -8.30 24.06 -4.06
C GLU A 526 -8.53 25.48 -3.54
N GLY A 527 -9.51 25.66 -2.66
CA GLY A 527 -9.81 26.95 -2.10
C GLY A 527 -10.47 26.86 -0.73
N SER A 528 -11.22 27.89 -0.33
CA SER A 528 -11.83 27.93 0.97
C SER A 528 -13.21 27.28 1.03
N GLU A 529 -13.88 27.14 -0.11
CA GLU A 529 -15.21 26.53 -0.17
C GLU A 529 -15.15 25.12 -0.74
N THR A 530 -13.96 24.61 -0.99
CA THR A 530 -13.79 23.30 -1.60
C THR A 530 -14.30 22.19 -0.69
N TYR A 531 -14.69 21.08 -1.29
CA TYR A 531 -15.13 19.88 -0.60
C TYR A 531 -14.00 19.40 0.31
N PRO A 532 -14.30 19.04 1.57
CA PRO A 532 -13.23 18.76 2.54
C PRO A 532 -12.58 17.40 2.40
N LEU A 533 -12.86 16.65 1.34
CA LEU A 533 -12.31 15.31 1.16
C LEU A 533 -10.79 15.30 1.17
N ARG A 534 -10.16 16.20 0.40
CA ARG A 534 -8.71 16.23 0.32
C ARG A 534 -8.09 16.54 1.68
N GLY A 535 -8.56 17.61 2.33
CA GLY A 535 -8.01 17.97 3.63
C GLY A 535 -8.29 16.92 4.69
N TYR A 536 -9.43 16.25 4.62
CA TYR A 536 -9.74 15.17 5.54
C TYR A 536 -8.80 13.98 5.34
N LEU A 537 -8.56 13.60 4.09
CA LEU A 537 -7.67 12.49 3.79
C LEU A 537 -6.23 12.80 4.15
N ALA A 538 -5.78 14.04 3.89
CA ALA A 538 -4.42 14.43 4.24
C ALA A 538 -4.21 14.47 5.74
N ALA A 539 -5.22 14.93 6.49
CA ALA A 539 -5.09 15.03 7.94
C ALA A 539 -5.11 13.67 8.63
N GLY A 540 -5.40 12.60 7.90
CA GLY A 540 -5.45 11.27 8.48
C GLY A 540 -6.82 10.80 8.89
N VAL A 541 -7.88 11.50 8.50
CA VAL A 541 -9.23 11.12 8.86
C VAL A 541 -9.67 9.97 7.96
N ALA A 542 -10.28 8.95 8.55
CA ALA A 542 -10.83 7.84 7.80
C ALA A 542 -12.10 8.29 7.08
N VAL A 543 -12.00 8.57 5.78
CA VAL A 543 -13.11 9.17 5.04
C VAL A 543 -13.79 8.14 4.15
N THR A 544 -15.04 7.84 4.47
CA THR A 544 -15.84 6.97 3.62
C THR A 544 -16.76 7.80 2.74
N LEU A 545 -16.92 7.39 1.49
CA LEU A 545 -17.82 8.05 0.55
C LEU A 545 -19.09 7.23 0.39
N ASN A 546 -20.24 7.88 0.54
CA ASN A 546 -21.51 7.18 0.63
C ASN A 546 -22.54 7.87 -0.26
N THR A 547 -23.74 7.30 -0.31
CA THR A 547 -24.80 7.80 -1.17
C THR A 547 -25.94 8.48 -0.44
N ASP A 548 -26.03 8.34 0.89
CA ASP A 548 -27.14 8.86 1.67
C ASP A 548 -28.45 8.27 1.16
N ASN A 549 -29.15 9.00 0.31
CA ASN A 549 -30.38 8.50 -0.33
C ASN A 549 -30.11 8.30 -1.82
N LEU A 550 -30.22 7.05 -2.27
CA LEU A 550 -30.05 6.76 -3.70
C LEU A 550 -31.10 7.44 -4.55
N GLY A 551 -32.37 7.38 -4.13
CA GLY A 551 -33.44 7.94 -4.94
C GLY A 551 -33.47 9.44 -4.97
N ILE A 552 -33.31 10.10 -3.83
CA ILE A 552 -33.38 11.55 -3.79
C ILE A 552 -32.18 12.19 -4.50
N SER A 553 -30.97 11.67 -4.25
CA SER A 553 -29.78 12.20 -4.89
C SER A 553 -29.65 11.77 -6.34
N GLN A 554 -30.39 10.73 -6.74
CA GLN A 554 -30.39 10.22 -8.11
C GLN A 554 -28.97 9.89 -8.58
N ALA A 555 -28.26 9.09 -7.79
CA ALA A 555 -26.89 8.74 -8.13
C ALA A 555 -26.50 7.49 -7.35
N SER A 556 -25.75 6.61 -8.00
CA SER A 556 -25.25 5.40 -7.38
C SER A 556 -23.92 5.69 -6.69
N LEU A 557 -23.38 4.68 -6.02
CA LEU A 557 -22.14 4.89 -5.29
C LEU A 557 -20.96 5.08 -6.22
N THR A 558 -21.02 4.50 -7.42
CA THR A 558 -20.03 4.76 -8.45
C THR A 558 -20.04 6.22 -8.89
N ASP A 559 -21.24 6.78 -9.10
CA ASP A 559 -21.38 8.19 -9.43
C ASP A 559 -20.92 9.09 -8.32
N ASN A 560 -21.16 8.71 -7.05
CA ASN A 560 -20.64 9.47 -5.93
C ASN A 560 -19.11 9.41 -5.88
N LEU A 561 -18.53 8.25 -6.17
CA LEU A 561 -17.08 8.14 -6.24
C LEU A 561 -16.51 9.04 -7.33
N LEU A 562 -17.15 9.07 -8.50
CA LEU A 562 -16.66 9.86 -9.61
C LEU A 562 -16.94 11.35 -9.48
N LEU A 563 -17.93 11.74 -8.67
CA LEU A 563 -18.18 13.16 -8.43
C LEU A 563 -17.07 13.81 -7.61
N THR A 564 -16.31 13.02 -6.85
CA THR A 564 -15.19 13.56 -6.11
C THR A 564 -14.10 14.08 -7.03
N ALA A 565 -14.06 13.63 -8.28
CA ALA A 565 -13.15 14.22 -9.26
C ALA A 565 -13.50 15.66 -9.55
N ARG A 566 -14.80 15.97 -9.63
CA ARG A 566 -15.24 17.33 -9.89
C ARG A 566 -15.30 18.17 -8.63
N LEU A 567 -15.50 17.54 -7.46
CA LEU A 567 -15.48 18.28 -6.20
C LEU A 567 -14.07 18.53 -5.68
N CYS A 568 -13.15 17.60 -5.87
CA CYS A 568 -11.80 17.70 -5.33
C CYS A 568 -10.79 17.70 -6.46
N PRO A 569 -10.17 18.84 -6.77
CA PRO A 569 -9.19 18.88 -7.86
C PRO A 569 -7.96 18.04 -7.57
N GLY A 570 -7.72 17.01 -8.38
CA GLY A 570 -6.55 16.18 -8.24
C GLY A 570 -6.75 14.91 -7.45
N ILE A 571 -8.00 14.53 -7.15
CA ILE A 571 -8.25 13.27 -6.46
C ILE A 571 -7.69 12.14 -7.28
N THR A 572 -6.95 11.24 -6.63
CA THR A 572 -6.35 10.14 -7.35
C THR A 572 -7.19 8.87 -7.19
N ARG A 573 -6.97 7.93 -8.12
CA ARG A 573 -7.65 6.64 -8.07
C ARG A 573 -7.23 5.85 -6.84
N LEU A 574 -5.96 5.96 -6.45
CA LEU A 574 -5.50 5.37 -5.20
C LEU A 574 -6.25 5.94 -4.00
N GLU A 575 -6.62 7.22 -4.04
CA GLU A 575 -7.43 7.79 -2.97
C GLU A 575 -8.85 7.25 -2.95
N VAL A 576 -9.42 6.90 -4.11
CA VAL A 576 -10.69 6.20 -4.14
C VAL A 576 -10.55 4.83 -3.47
N LEU A 577 -9.47 4.10 -3.78
CA LEU A 577 -9.23 2.84 -3.11
C LEU A 577 -9.04 3.03 -1.61
N LYS A 578 -8.37 4.12 -1.20
CA LYS A 578 -8.22 4.41 0.22
C LYS A 578 -9.57 4.65 0.88
N THR A 579 -10.47 5.36 0.20
CA THR A 579 -11.80 5.57 0.77
C THR A 579 -12.54 4.25 0.92
N GLN A 580 -12.41 3.36 -0.06
CA GLN A 580 -13.03 2.03 0.05
C GLN A 580 -12.45 1.25 1.23
N VAL A 581 -11.13 1.30 1.40
CA VAL A 581 -10.49 0.58 2.50
C VAL A 581 -10.88 1.18 3.84
N PHE A 582 -11.02 2.51 3.90
CA PHE A 582 -11.50 3.17 5.11
C PHE A 582 -12.92 2.72 5.44
N ALA A 583 -13.77 2.61 4.43
CA ALA A 583 -15.13 2.12 4.65
C ALA A 583 -15.12 0.69 5.16
N ALA A 584 -14.24 -0.15 4.60
CA ALA A 584 -14.15 -1.53 5.05
C ALA A 584 -13.70 -1.59 6.52
N GLN A 585 -12.73 -0.76 6.90
CA GLN A 585 -12.25 -0.77 8.28
C GLN A 585 -13.26 -0.17 9.24
N ALA A 586 -14.09 0.78 8.77
CA ALA A 586 -15.06 1.46 9.60
C ALA A 586 -16.41 0.77 9.65
N ALA A 587 -16.60 -0.32 8.90
CA ALA A 587 -17.85 -1.05 8.93
C ALA A 587 -18.09 -1.66 10.30
N PHE A 588 -19.35 -1.70 10.72
CA PHE A 588 -19.72 -2.39 11.96
C PHE A 588 -19.87 -3.89 11.72
N ALA A 589 -18.84 -4.48 11.14
CA ALA A 589 -18.85 -5.88 10.75
C ALA A 589 -18.11 -6.73 11.78
N ASN A 590 -18.49 -8.00 11.86
CA ASN A 590 -17.81 -8.96 12.72
C ASN A 590 -16.68 -9.63 11.94
N GLN A 591 -16.08 -10.68 12.51
CA GLN A 591 -14.92 -11.30 11.90
C GLN A 591 -15.23 -11.93 10.55
N ALA A 592 -16.32 -12.69 10.46
CA ALA A 592 -16.64 -13.37 9.20
C ALA A 592 -16.95 -12.35 8.10
N GLU A 593 -17.75 -11.34 8.42
CA GLU A 593 -18.11 -10.34 7.44
C GLU A 593 -16.90 -9.53 7.00
N ARG A 594 -16.02 -9.17 7.95
CA ARG A 594 -14.82 -8.43 7.61
C ARG A 594 -13.88 -9.26 6.74
N LYS A 595 -13.75 -10.56 7.06
CA LYS A 595 -12.90 -11.43 6.25
C LYS A 595 -13.44 -11.54 4.82
N ALA A 596 -14.75 -11.73 4.67
CA ALA A 596 -15.33 -11.82 3.33
C ALA A 596 -15.17 -10.50 2.58
N LEU A 597 -15.38 -9.39 3.26
CA LEU A 597 -15.25 -8.07 2.64
C LEU A 597 -13.82 -7.83 2.18
N TRP A 598 -12.84 -8.26 2.96
CA TRP A 598 -11.45 -8.07 2.57
C TRP A 598 -11.07 -9.05 1.45
N ALA A 599 -11.66 -10.24 1.44
CA ALA A 599 -11.42 -11.16 0.33
C ALA A 599 -11.91 -10.59 -0.98
N ARG A 600 -13.11 -9.99 -0.98
CA ARG A 600 -13.61 -9.40 -2.22
C ARG A 600 -12.98 -8.06 -2.54
N LEU A 601 -12.54 -7.32 -1.52
CA LEU A 601 -11.99 -5.98 -1.74
C LEU A 601 -10.58 -6.02 -2.30
N ALA A 602 -9.88 -7.13 -2.10
CA ALA A 602 -8.56 -7.32 -2.70
C ALA A 602 -8.61 -7.56 -4.20
N GLN A 603 -9.80 -7.77 -4.75
CA GLN A 603 -9.96 -8.05 -6.19
C GLN A 603 -10.23 -6.73 -6.91
N VAL A 604 -9.16 -5.95 -7.07
CA VAL A 604 -9.23 -4.66 -7.75
C VAL A 604 -9.16 -4.88 -9.25
N PRO A 605 -10.10 -4.35 -10.03
CA PRO A 605 -10.02 -4.47 -11.48
C PRO A 605 -8.80 -3.74 -12.03
N VAL A 606 -8.30 -4.23 -13.16
CA VAL A 606 -7.16 -3.61 -13.82
C VAL A 606 -7.66 -2.57 -14.82
N PRO A 607 -6.91 -1.50 -15.05
CA PRO A 607 -7.34 -0.51 -16.05
C PRO A 607 -7.21 -1.05 -17.47
N THR A 608 -7.95 -0.41 -18.38
CA THR A 608 -7.91 -0.76 -19.80
C THR A 608 -7.17 0.30 -20.60
N MET B 1 29.23 8.14 -8.36
CA MET B 1 27.99 8.83 -8.73
C MET B 1 27.35 8.33 -10.03
N ARG B 2 27.92 8.76 -11.16
CA ARG B 2 27.54 8.21 -12.45
C ARG B 2 28.18 6.84 -12.64
N ILE B 3 27.45 5.90 -13.24
CA ILE B 3 27.96 4.57 -13.53
C ILE B 3 27.62 4.19 -14.96
N LEU B 4 28.62 3.71 -15.70
CA LEU B 4 28.41 3.28 -17.09
C LEU B 4 28.83 1.83 -17.25
N LEU B 5 27.92 1.01 -17.79
CA LEU B 5 28.15 -0.42 -17.92
C LEU B 5 28.51 -0.82 -19.36
N CYS B 6 27.58 -0.59 -20.29
CA CYS B 6 27.76 -0.78 -21.73
C CYS B 6 28.46 -2.10 -22.03
N SER B 7 27.73 -3.17 -21.68
CA SER B 7 28.24 -4.53 -21.79
C SER B 7 28.64 -4.85 -23.23
N VAL B 8 29.73 -5.58 -23.36
CA VAL B 8 30.37 -5.83 -24.66
C VAL B 8 29.98 -7.23 -25.11
N GLY B 9 29.16 -7.30 -26.17
CA GLY B 9 29.02 -8.56 -26.88
C GLY B 9 30.22 -8.81 -27.78
N THR B 10 30.50 -7.86 -28.67
CA THR B 10 31.71 -7.81 -29.48
C THR B 10 32.06 -6.32 -29.61
N SER B 11 33.05 -6.02 -30.45
CA SER B 11 33.37 -4.65 -30.83
C SER B 11 33.70 -3.79 -29.60
N TRP B 12 34.86 -4.11 -29.00
CA TRP B 12 35.40 -3.34 -27.88
C TRP B 12 35.28 -1.84 -28.07
N ALA B 13 35.39 -1.35 -29.31
CA ALA B 13 35.48 0.09 -29.56
C ALA B 13 34.24 0.84 -29.13
N VAL B 14 33.13 0.13 -28.86
CA VAL B 14 31.91 0.79 -28.41
C VAL B 14 32.11 1.47 -27.06
N VAL B 15 32.80 0.81 -26.12
CA VAL B 15 32.90 1.34 -24.77
C VAL B 15 33.60 2.69 -24.71
N PRO B 16 34.79 2.88 -25.30
CA PRO B 16 35.38 4.23 -25.28
C PRO B 16 34.51 5.27 -25.98
N GLU B 17 33.77 4.85 -27.01
CA GLU B 17 32.79 5.73 -27.63
C GLU B 17 31.67 6.07 -26.66
N ALA B 18 31.31 5.14 -25.78
CA ALA B 18 30.18 5.31 -24.88
C ALA B 18 30.49 6.14 -23.64
N MET B 19 31.77 6.35 -23.32
CA MET B 19 32.15 7.15 -22.17
C MET B 19 32.30 8.63 -22.48
N GLN B 20 31.95 9.04 -23.70
CA GLN B 20 31.89 10.44 -24.10
C GLN B 20 30.46 10.94 -24.21
N LEU B 21 29.51 10.23 -23.58
CA LEU B 21 28.13 10.71 -23.52
C LEU B 21 28.03 12.03 -22.80
N LEU B 22 28.74 12.19 -21.69
CA LEU B 22 28.66 13.39 -20.87
C LEU B 22 29.65 14.46 -21.32
N GLY B 23 30.79 14.04 -21.86
CA GLY B 23 31.74 14.98 -22.42
C GLY B 23 32.91 15.27 -21.50
N SER B 24 33.04 16.53 -21.07
CA SER B 24 34.06 16.93 -20.13
C SER B 24 33.60 16.84 -18.68
N GLN B 25 32.59 16.00 -18.41
CA GLN B 25 32.07 15.83 -17.07
C GLN B 25 32.43 14.48 -16.46
N GLY B 26 32.76 13.47 -17.27
CA GLY B 26 33.23 12.20 -16.78
C GLY B 26 32.13 11.22 -16.42
N PHE B 27 32.49 9.94 -16.27
CA PHE B 27 31.55 8.89 -15.88
C PHE B 27 31.90 8.28 -14.53
N ASP B 28 32.77 8.93 -13.76
CA ASP B 28 32.99 8.60 -12.37
C ASP B 28 33.40 7.14 -12.18
N GLU B 29 32.43 6.23 -12.14
CA GLU B 29 32.69 4.80 -12.00
C GLU B 29 32.22 4.08 -13.27
N VAL B 30 33.10 3.24 -13.82
CA VAL B 30 32.84 2.56 -15.09
C VAL B 30 33.08 1.07 -14.91
N HIS B 31 32.15 0.26 -15.40
CA HIS B 31 32.26 -1.20 -15.33
C HIS B 31 31.84 -1.79 -16.67
N VAL B 32 32.33 -3.00 -16.94
CA VAL B 32 32.06 -3.70 -18.20
C VAL B 32 31.80 -5.17 -17.90
N LEU B 33 30.72 -5.71 -18.48
CA LEU B 33 30.43 -7.14 -18.42
C LEU B 33 30.49 -7.69 -19.84
N THR B 34 31.18 -8.82 -20.02
CA THR B 34 31.47 -9.29 -21.36
C THR B 34 31.48 -10.81 -21.39
N THR B 35 31.26 -11.36 -22.59
CA THR B 35 31.41 -12.78 -22.86
C THR B 35 32.89 -13.10 -23.03
N ALA B 36 33.33 -14.16 -22.36
CA ALA B 36 34.76 -14.50 -22.28
C ALA B 36 35.15 -15.50 -23.36
N SER B 37 34.91 -15.14 -24.62
CA SER B 37 35.37 -15.97 -25.73
C SER B 37 36.73 -15.51 -26.22
N SER B 38 37.30 -16.29 -27.14
CA SER B 38 38.63 -15.99 -27.69
C SER B 38 38.62 -14.67 -28.45
N LYS B 39 37.54 -14.39 -29.17
CA LYS B 39 37.44 -13.17 -29.97
C LYS B 39 37.56 -11.93 -29.09
N ILE B 40 36.94 -11.96 -27.92
CA ILE B 40 36.94 -10.79 -27.03
C ILE B 40 38.34 -10.55 -26.45
N SER B 41 39.16 -11.59 -26.36
CA SER B 41 40.45 -11.46 -25.68
C SER B 41 41.27 -10.31 -26.26
N PRO B 42 41.41 -10.17 -27.61
CA PRO B 42 41.98 -8.94 -28.15
C PRO B 42 41.19 -7.71 -27.74
N GLY B 43 39.86 -7.82 -27.72
CA GLY B 43 39.04 -6.68 -27.37
C GLY B 43 39.22 -6.25 -25.92
N VAL B 44 39.24 -7.21 -25.00
CA VAL B 44 39.45 -6.85 -23.59
C VAL B 44 40.87 -6.35 -23.37
N GLU B 45 41.85 -6.91 -24.09
CA GLU B 45 43.21 -6.41 -23.99
C GLU B 45 43.28 -4.95 -24.44
N GLN B 46 42.59 -4.63 -25.53
CA GLN B 46 42.63 -3.25 -26.02
C GLN B 46 41.81 -2.32 -25.13
N LEU B 47 40.74 -2.82 -24.50
CA LEU B 47 40.04 -2.04 -23.49
C LEU B 47 40.97 -1.69 -22.33
N LEU B 48 41.75 -2.66 -21.86
CA LEU B 48 42.72 -2.39 -20.81
C LEU B 48 43.77 -1.39 -21.28
N ARG B 49 44.21 -1.51 -22.53
CA ARG B 49 45.14 -0.54 -23.10
C ARG B 49 44.57 0.87 -23.05
N TYR B 50 43.32 1.04 -23.50
CA TYR B 50 42.70 2.36 -23.49
C TYR B 50 42.53 2.88 -22.06
N PHE B 51 42.14 1.99 -21.14
CA PHE B 51 41.97 2.39 -19.75
C PHE B 51 43.29 2.89 -19.16
N GLU B 52 44.38 2.19 -19.43
CA GLU B 52 45.69 2.60 -18.92
C GLU B 52 46.22 3.83 -19.63
N MET B 53 45.81 4.08 -20.88
CA MET B 53 46.24 5.27 -21.62
C MET B 53 45.42 6.50 -21.26
N HIS B 54 44.27 6.33 -20.61
CA HIS B 54 43.43 7.45 -20.21
C HIS B 54 42.97 7.21 -18.78
N PRO B 55 43.67 7.79 -17.80
CA PRO B 55 43.25 7.61 -16.40
C PRO B 55 41.95 8.35 -16.10
N GLY B 56 41.52 8.31 -14.83
CA GLY B 56 40.27 8.93 -14.46
C GLY B 56 39.33 7.98 -13.74
N PRO B 57 38.21 7.66 -14.38
CA PRO B 57 37.18 6.87 -13.72
C PRO B 57 37.65 5.45 -13.42
N ARG B 58 37.07 4.87 -12.36
CA ARG B 58 37.36 3.48 -12.01
C ARG B 58 36.96 2.58 -13.16
N PHE B 59 37.81 1.61 -13.47
CA PHE B 59 37.63 0.73 -14.62
C PHE B 59 37.62 -0.72 -14.16
N SER B 60 36.60 -1.46 -14.60
CA SER B 60 36.50 -2.88 -14.31
C SER B 60 35.85 -3.58 -15.49
N ILE B 61 36.40 -4.73 -15.86
CA ILE B 61 35.86 -5.58 -16.91
C ILE B 61 35.58 -6.94 -16.30
N SER B 62 34.36 -7.45 -16.52
CA SER B 62 33.89 -8.69 -15.90
C SER B 62 33.51 -9.67 -17.02
N ARG B 63 34.38 -10.64 -17.27
CA ARG B 63 34.04 -11.68 -18.23
C ARG B 63 33.37 -12.85 -17.54
N VAL B 64 32.39 -13.44 -18.21
CA VAL B 64 31.58 -14.51 -17.63
C VAL B 64 32.32 -15.84 -17.76
N GLN B 65 32.28 -16.63 -16.69
CA GLN B 65 32.94 -17.92 -16.65
C GLN B 65 31.99 -19.00 -17.18
N ASP B 66 32.52 -19.87 -18.04
CA ASP B 66 31.77 -20.95 -18.68
C ASP B 66 30.59 -20.42 -19.48
N PHE B 67 30.80 -19.33 -20.21
CA PHE B 67 29.82 -18.83 -21.16
C PHE B 67 30.57 -18.22 -22.33
N GLU B 68 30.61 -18.95 -23.45
CA GLU B 68 31.39 -18.54 -24.62
C GLU B 68 30.55 -17.93 -25.73
N ASP B 69 29.27 -18.28 -25.84
CA ASP B 69 28.39 -17.71 -26.85
C ASP B 69 26.93 -17.95 -26.52
N LEU B 70 26.11 -16.90 -26.60
CA LEU B 70 24.68 -17.03 -26.32
C LEU B 70 24.02 -17.75 -27.48
N ARG B 71 23.41 -18.91 -27.21
CA ARG B 71 22.97 -19.78 -28.29
C ARG B 71 21.55 -20.30 -28.12
N SER B 72 20.85 -19.95 -27.05
CA SER B 72 19.51 -20.49 -26.81
C SER B 72 18.84 -19.69 -25.71
N GLU B 73 17.63 -20.12 -25.35
CA GLU B 73 16.90 -19.53 -24.24
C GLU B 73 17.64 -19.71 -22.92
N GLN B 74 18.26 -20.87 -22.69
CA GLN B 74 18.98 -21.16 -21.45
C GLN B 74 20.31 -20.42 -21.36
N ASP B 75 21.07 -20.38 -22.45
CA ASP B 75 22.28 -19.58 -22.50
C ASP B 75 22.00 -18.10 -22.33
N HIS B 76 20.79 -17.66 -22.65
CA HIS B 76 20.35 -16.29 -22.38
C HIS B 76 19.91 -16.08 -20.95
N MET B 77 19.23 -17.06 -20.35
CA MET B 77 18.87 -16.94 -18.94
C MET B 77 20.10 -16.91 -18.04
N LEU B 78 21.14 -17.68 -18.39
CA LEU B 78 22.36 -17.66 -17.59
C LEU B 78 23.00 -16.28 -17.60
N PHE B 79 23.21 -15.72 -18.80
CA PHE B 79 23.75 -14.37 -18.93
C PHE B 79 22.85 -13.34 -18.28
N GLU B 80 21.53 -13.56 -18.31
CA GLU B 80 20.62 -12.60 -17.70
C GLU B 80 20.78 -12.58 -16.19
N GLU B 81 20.92 -13.74 -15.55
CA GLU B 81 21.16 -13.80 -14.12
C GLU B 81 22.51 -13.18 -13.77
N VAL B 82 23.55 -13.49 -14.54
CA VAL B 82 24.87 -12.91 -14.29
C VAL B 82 24.81 -11.39 -14.47
N LEU B 83 24.08 -10.94 -15.48
CA LEU B 83 23.90 -9.51 -15.72
C LEU B 83 23.23 -8.83 -14.55
N TRP B 84 22.17 -9.43 -14.01
CA TRP B 84 21.49 -8.83 -12.86
C TRP B 84 22.39 -8.79 -11.63
N ARG B 85 23.14 -9.86 -11.38
CA ARG B 85 24.00 -9.89 -10.20
C ARG B 85 25.12 -8.87 -10.32
N TRP B 86 25.81 -8.85 -11.47
CA TRP B 86 26.87 -7.88 -11.70
C TRP B 86 26.33 -6.46 -11.71
N LEU B 87 25.09 -6.29 -12.17
CA LEU B 87 24.43 -4.98 -12.15
C LEU B 87 24.20 -4.50 -10.73
N LEU B 88 23.64 -5.37 -9.89
CA LEU B 88 23.34 -4.99 -8.51
C LEU B 88 24.63 -4.80 -7.70
N GLN B 89 25.70 -5.49 -8.06
CA GLN B 89 26.94 -5.38 -7.28
C GLN B 89 27.76 -4.17 -7.72
N ARG B 90 27.93 -3.98 -9.03
CA ARG B 90 28.72 -2.88 -9.56
C ARG B 90 27.98 -1.55 -9.56
N ALA B 91 26.66 -1.54 -9.47
CA ALA B 91 25.87 -0.31 -9.40
C ALA B 91 24.83 -0.45 -8.30
N PRO B 92 25.25 -0.34 -7.04
CA PRO B 92 24.34 -0.59 -5.92
C PRO B 92 23.11 0.33 -5.89
N GLN B 93 23.28 1.59 -6.25
CA GLN B 93 22.16 2.53 -6.16
C GLN B 93 21.19 2.32 -7.32
N ALA B 94 19.90 2.50 -7.04
CA ALA B 94 18.85 2.17 -7.99
C ALA B 94 18.77 3.12 -9.18
N ALA B 95 19.27 4.35 -9.04
CA ALA B 95 19.14 5.37 -10.06
C ALA B 95 20.47 6.07 -10.29
N HIS B 96 21.54 5.29 -10.41
CA HIS B 96 22.85 5.82 -10.74
C HIS B 96 23.41 5.16 -11.99
N ARG B 97 22.53 4.72 -12.89
CA ARG B 97 22.94 3.84 -13.98
C ARG B 97 22.81 4.56 -15.32
N TYR B 98 23.82 4.38 -16.18
CA TYR B 98 23.82 4.97 -17.51
C TYR B 98 23.87 3.89 -18.57
N ILE B 99 23.00 2.91 -18.44
CA ILE B 99 23.01 1.69 -19.25
C ILE B 99 23.14 1.97 -20.75
N CYS B 100 24.12 1.32 -21.36
CA CYS B 100 24.45 1.40 -22.77
C CYS B 100 23.97 0.13 -23.47
N LEU B 101 23.09 0.31 -24.46
CA LEU B 101 22.55 -0.80 -25.21
C LEU B 101 23.47 -1.27 -26.34
N ALA B 102 24.45 -0.46 -26.73
CA ALA B 102 25.30 -0.82 -27.86
C ALA B 102 26.26 -1.94 -27.49
N GLY B 103 26.57 -2.78 -28.48
CA GLY B 103 27.54 -3.85 -28.29
C GLY B 103 26.93 -5.17 -27.88
N GLY B 104 25.90 -5.61 -28.59
CA GLY B 104 25.33 -6.92 -28.33
C GLY B 104 25.27 -7.79 -29.57
N TYR B 105 26.01 -8.90 -29.58
CA TYR B 105 26.06 -9.74 -30.76
C TYR B 105 24.80 -10.58 -30.91
N LYS B 106 24.26 -11.08 -29.79
CA LYS B 106 23.06 -11.93 -29.81
C LYS B 106 22.26 -11.66 -28.53
N THR B 107 21.21 -10.83 -28.67
CA THR B 107 20.22 -10.59 -27.62
C THR B 107 20.81 -9.95 -26.37
N ILE B 108 22.11 -9.65 -26.39
CA ILE B 108 22.76 -9.02 -25.25
C ILE B 108 22.14 -7.66 -25.00
N SER B 109 21.93 -6.89 -26.07
CA SER B 109 21.29 -5.59 -25.96
C SER B 109 19.85 -5.66 -25.51
N ALA B 110 19.08 -6.63 -26.02
CA ALA B 110 17.70 -6.82 -25.59
C ALA B 110 17.64 -7.14 -24.11
N ALA B 111 18.49 -8.05 -23.65
CA ALA B 111 18.55 -8.42 -22.25
C ALA B 111 18.99 -7.25 -21.38
N MET B 112 19.92 -6.45 -21.90
CA MET B 112 20.40 -5.29 -21.14
C MET B 112 19.29 -4.27 -20.96
N GLN B 113 18.53 -4.00 -22.03
CA GLN B 113 17.39 -3.10 -21.93
C GLN B 113 16.32 -3.66 -21.00
N ARG B 114 16.09 -4.97 -21.05
CA ARG B 114 15.10 -5.57 -20.17
C ARG B 114 15.53 -5.46 -18.72
N ALA B 115 16.83 -5.62 -18.44
CA ALA B 115 17.34 -5.42 -17.09
C ALA B 115 17.18 -3.97 -16.65
N ALA B 116 17.37 -3.04 -17.59
CA ALA B 116 17.11 -1.63 -17.29
C ALA B 116 15.65 -1.42 -16.92
N ALA B 117 14.75 -2.07 -17.65
CA ALA B 117 13.32 -1.96 -17.37
C ALA B 117 12.97 -2.57 -16.01
N LEU B 118 13.64 -3.66 -15.65
CA LEU B 118 13.26 -4.42 -14.46
C LEU B 118 13.84 -3.81 -13.19
N PHE B 119 15.09 -3.34 -13.24
CA PHE B 119 15.79 -2.88 -12.05
C PHE B 119 15.92 -1.37 -11.97
N GLY B 120 15.91 -0.67 -13.09
CA GLY B 120 15.94 0.77 -13.11
C GLY B 120 17.26 1.31 -13.62
N ALA B 121 17.22 2.59 -13.96
CA ALA B 121 18.39 3.32 -14.46
C ALA B 121 18.01 4.79 -14.52
N CYS B 122 18.98 5.62 -14.89
CA CYS B 122 18.71 7.02 -15.18
C CYS B 122 19.03 7.40 -16.63
N GLU B 123 19.63 6.50 -17.39
CA GLU B 123 19.85 6.74 -18.82
C GLU B 123 20.12 5.41 -19.51
N VAL B 124 19.22 5.01 -20.41
CA VAL B 124 19.44 3.86 -21.27
C VAL B 124 19.59 4.40 -22.69
N PHE B 125 20.82 4.39 -23.21
CA PHE B 125 21.12 5.07 -24.46
C PHE B 125 21.87 4.13 -25.40
N HIS B 126 22.03 4.60 -26.64
CA HIS B 126 22.80 3.91 -27.66
C HIS B 126 23.80 4.89 -28.25
N VAL B 127 24.94 4.36 -28.70
CA VAL B 127 26.02 5.17 -29.25
C VAL B 127 26.16 4.87 -30.74
N LEU B 128 26.28 5.93 -31.53
CA LEU B 128 26.52 5.84 -32.96
C LEU B 128 27.79 6.59 -33.33
N CYS B 129 28.62 5.96 -34.13
CA CYS B 129 29.80 6.61 -34.71
C CYS B 129 29.61 6.75 -36.21
N GLU B 130 30.10 7.86 -36.75
CA GLU B 130 29.99 8.10 -38.19
C GLU B 130 30.83 7.08 -38.95
N PRO B 131 30.38 6.63 -40.12
CA PRO B 131 31.15 5.62 -40.87
C PRO B 131 32.39 6.19 -41.55
N ARG B 132 32.79 7.41 -41.21
CA ARG B 132 33.96 8.01 -41.82
C ARG B 132 35.23 7.53 -41.15
N PHE B 133 35.40 6.21 -41.04
CA PHE B 133 36.56 5.63 -40.38
C PHE B 133 36.90 4.30 -41.06
N GLY B 134 37.99 3.69 -40.60
CA GLY B 134 38.45 2.45 -41.17
C GLY B 134 39.55 2.66 -42.19
N PRO B 135 40.11 1.57 -42.71
CA PRO B 135 41.17 1.70 -43.73
C PRO B 135 40.73 2.43 -44.97
N GLN B 136 39.48 2.26 -45.39
CA GLN B 136 38.96 2.92 -46.58
C GLN B 136 38.06 4.10 -46.24
N GLY B 137 37.95 4.47 -44.97
CA GLY B 137 37.06 5.55 -44.56
C GLY B 137 35.62 5.27 -44.88
N ASN B 138 35.17 4.03 -44.63
CA ASN B 138 33.82 3.61 -44.97
C ASN B 138 33.09 2.89 -43.84
N ARG B 139 33.74 2.56 -42.74
CA ARG B 139 33.12 1.85 -41.64
C ARG B 139 33.29 2.64 -40.34
N GLU B 140 32.85 2.04 -39.24
CA GLU B 140 32.93 2.66 -37.93
C GLU B 140 34.37 2.58 -37.43
N ALA B 141 34.63 3.10 -36.23
CA ALA B 141 35.96 3.07 -35.64
C ALA B 141 36.09 1.78 -34.82
N SER B 142 37.09 0.96 -35.17
CA SER B 142 37.32 -0.31 -34.49
C SER B 142 38.78 -0.48 -34.11
N THR B 143 39.51 0.62 -33.95
CA THR B 143 40.91 0.57 -33.57
C THR B 143 41.19 1.71 -32.59
N LEU B 144 42.23 1.54 -31.78
CA LEU B 144 42.58 2.54 -30.78
C LEU B 144 42.77 3.92 -31.42
N GLU B 145 43.56 3.97 -32.49
CA GLU B 145 43.72 5.23 -33.21
C GLU B 145 42.41 5.65 -33.88
N GLU B 146 41.64 4.69 -34.38
CA GLU B 146 40.32 5.01 -34.92
C GLU B 146 39.39 5.51 -33.82
N VAL B 147 39.46 4.90 -32.64
CA VAL B 147 38.64 5.36 -31.52
C VAL B 147 38.99 6.78 -31.13
N GLU B 148 40.29 7.11 -31.11
CA GLU B 148 40.70 8.47 -30.79
C GLU B 148 40.28 9.45 -31.87
N GLN B 149 40.38 9.04 -33.15
CA GLN B 149 39.87 9.85 -34.25
C GLN B 149 38.37 10.08 -34.15
N ALA B 150 37.64 9.14 -33.55
CA ALA B 150 36.22 9.32 -33.30
C ALA B 150 35.96 10.26 -32.13
N ILE B 151 36.73 10.12 -31.06
CA ILE B 151 36.51 10.92 -29.86
C ILE B 151 36.82 12.39 -30.13
N ALA B 152 37.98 12.66 -30.71
CA ALA B 152 38.29 14.00 -31.20
C ALA B 152 37.62 14.19 -32.55
N THR B 153 37.42 15.45 -32.93
CA THR B 153 36.75 15.75 -34.20
C THR B 153 35.37 15.09 -34.20
N ASN B 154 34.47 15.57 -33.34
CA ASN B 154 33.25 14.88 -32.94
C ASN B 154 32.55 14.12 -34.06
N ALA B 155 32.33 12.83 -33.85
CA ALA B 155 31.62 11.96 -34.79
C ALA B 155 30.68 11.00 -34.06
N LEU B 156 30.37 11.29 -32.79
CA LEU B 156 29.59 10.39 -31.94
C LEU B 156 28.24 11.03 -31.66
N ARG B 157 27.17 10.32 -32.01
CA ARG B 157 25.80 10.72 -31.70
C ARG B 157 25.19 9.73 -30.74
N PHE B 158 24.49 10.24 -29.74
CA PHE B 158 24.00 9.44 -28.62
C PHE B 158 22.48 9.45 -28.64
N VAL B 159 21.88 8.28 -28.87
CA VAL B 159 20.43 8.15 -28.83
C VAL B 159 19.98 7.77 -27.42
N ARG B 160 19.65 8.78 -26.61
CA ARG B 160 19.08 8.51 -25.30
C ARG B 160 17.63 8.06 -25.44
N LEU B 161 17.30 6.94 -24.79
CA LEU B 161 15.94 6.42 -24.80
C LEU B 161 15.12 6.91 -23.61
N GLY B 162 15.67 6.84 -22.40
CA GLY B 162 14.99 7.32 -21.23
C GLY B 162 15.60 6.78 -19.95
N PRO B 163 15.16 7.30 -18.81
CA PRO B 163 15.70 6.80 -17.53
C PRO B 163 15.22 5.40 -17.19
N GLU B 164 13.94 5.11 -17.42
CA GLU B 164 13.37 3.79 -17.15
C GLU B 164 13.52 3.44 -15.67
N PRO B 165 12.70 4.01 -14.80
CA PRO B 165 12.94 3.93 -13.34
C PRO B 165 12.97 2.52 -12.79
N GLY B 166 12.30 1.55 -13.42
CA GLY B 166 12.34 0.18 -12.98
C GLY B 166 11.25 -0.18 -12.00
N TRP B 167 11.17 -1.48 -11.72
CA TRP B 167 10.11 -2.01 -10.86
C TRP B 167 10.39 -1.66 -9.40
N PRO B 168 9.41 -1.16 -8.66
CA PRO B 168 9.62 -0.89 -7.23
C PRO B 168 9.98 -2.14 -6.43
N GLN B 169 9.41 -3.29 -6.77
CA GLN B 169 9.66 -4.51 -5.99
C GLN B 169 11.11 -4.96 -6.13
N LEU B 170 11.66 -4.88 -7.34
CA LEU B 170 13.02 -5.37 -7.59
C LEU B 170 14.09 -4.39 -7.15
N ARG B 171 13.73 -3.15 -6.82
CA ARG B 171 14.73 -2.18 -6.39
C ARG B 171 15.18 -2.41 -4.95
N LEU B 172 14.41 -3.17 -4.16
CA LEU B 172 14.85 -3.53 -2.82
C LEU B 172 15.97 -4.56 -2.84
N LEU B 173 16.22 -5.20 -3.98
CA LEU B 173 17.26 -6.21 -4.08
C LEU B 173 18.63 -5.55 -4.19
N SER B 174 19.62 -6.12 -3.50
CA SER B 174 20.95 -5.53 -3.44
C SER B 174 21.99 -6.63 -3.56
N ALA B 175 23.25 -6.21 -3.70
CA ALA B 175 24.35 -7.16 -3.83
C ALA B 175 24.51 -8.08 -2.62
N PRO B 176 24.45 -7.60 -1.37
CA PRO B 176 24.55 -8.55 -0.24
C PRO B 176 23.45 -9.60 -0.24
N SER B 177 22.26 -9.26 -0.76
CA SER B 177 21.18 -10.25 -0.83
C SER B 177 21.53 -11.38 -1.78
N PHE B 178 22.21 -11.06 -2.90
CA PHE B 178 22.55 -12.04 -3.93
C PHE B 178 24.04 -11.95 -4.20
N PRO B 179 24.87 -12.63 -3.41
CA PRO B 179 26.33 -12.56 -3.63
C PRO B 179 26.72 -13.10 -5.00
N LEU B 180 27.73 -12.46 -5.59
CA LEU B 180 28.28 -12.86 -6.87
C LEU B 180 29.76 -13.21 -6.69
N GLU B 181 30.15 -14.39 -7.15
CA GLU B 181 31.52 -14.87 -6.99
C GLU B 181 32.38 -14.33 -8.14
N SER B 182 33.51 -13.72 -7.78
CA SER B 182 34.42 -13.12 -8.75
C SER B 182 35.84 -13.54 -8.45
N THR B 183 36.60 -13.82 -9.51
CA THR B 183 37.99 -14.26 -9.39
C THR B 183 38.85 -13.27 -10.18
N LEU B 184 39.83 -12.67 -9.52
CA LEU B 184 40.73 -11.72 -10.17
C LEU B 184 41.87 -12.45 -10.87
N GLN B 185 41.55 -13.21 -11.92
CA GLN B 185 42.58 -13.92 -12.68
C GLN B 185 43.23 -12.99 -13.70
N GLY B 186 43.89 -11.95 -13.16
CA GLY B 186 44.50 -10.93 -13.95
C GLY B 186 43.93 -9.56 -13.61
N PRO B 187 44.21 -8.56 -14.46
CA PRO B 187 43.58 -7.25 -14.26
C PRO B 187 42.10 -7.23 -14.58
N VAL B 188 41.57 -8.32 -15.14
CA VAL B 188 40.17 -8.38 -15.55
C VAL B 188 39.39 -9.24 -14.56
N HIS B 189 38.21 -8.77 -14.16
CA HIS B 189 37.34 -9.54 -13.30
C HIS B 189 36.75 -10.73 -14.06
N TRP B 190 36.50 -11.81 -13.33
CA TRP B 190 35.95 -13.03 -13.89
C TRP B 190 34.79 -13.47 -13.02
N VAL B 191 33.57 -13.42 -13.56
CA VAL B 191 32.34 -13.55 -12.77
C VAL B 191 31.60 -14.81 -13.18
N ARG B 192 31.07 -15.53 -12.20
CA ARG B 192 30.20 -16.68 -12.42
C ARG B 192 29.00 -16.56 -11.49
N ALA B 193 27.86 -17.08 -11.93
CA ALA B 193 26.68 -17.13 -11.09
C ALA B 193 26.51 -18.54 -10.52
N SER B 194 26.31 -18.60 -9.20
CA SER B 194 26.16 -19.89 -8.54
C SER B 194 24.74 -20.43 -8.69
N ASP B 195 23.76 -19.66 -8.25
CA ASP B 195 22.36 -20.07 -8.27
C ASP B 195 21.52 -19.09 -9.06
N MET B 196 20.45 -19.60 -9.68
CA MET B 196 19.50 -18.78 -10.41
C MET B 196 18.41 -18.25 -9.46
N ARG B 197 18.86 -17.40 -8.54
CA ARG B 197 17.99 -16.90 -7.47
C ARG B 197 17.44 -15.51 -7.77
N LEU B 198 18.27 -14.61 -8.31
CA LEU B 198 17.75 -13.34 -8.82
C LEU B 198 16.75 -13.58 -9.93
N ARG B 199 17.04 -14.54 -10.81
CA ARG B 199 16.13 -14.82 -11.91
C ARG B 199 14.78 -15.30 -11.40
N GLN B 200 14.76 -16.22 -10.43
CA GLN B 200 13.51 -16.67 -9.85
C GLN B 200 12.79 -15.56 -9.10
N HIS B 201 13.52 -14.72 -8.36
CA HIS B 201 12.91 -13.58 -7.67
C HIS B 201 12.20 -12.67 -8.66
N VAL B 202 12.91 -12.26 -9.72
CA VAL B 202 12.35 -11.33 -10.69
C VAL B 202 11.17 -11.96 -11.42
N GLU B 203 11.31 -13.22 -11.84
CA GLU B 203 10.21 -13.87 -12.54
C GLU B 203 9.00 -14.05 -11.65
N GLY B 204 9.20 -14.36 -10.37
CA GLY B 204 8.07 -14.45 -9.45
C GLY B 204 7.39 -13.11 -9.24
N VAL B 205 8.17 -12.03 -9.14
CA VAL B 205 7.57 -10.70 -9.05
C VAL B 205 6.76 -10.40 -10.31
N LEU B 206 7.25 -10.84 -11.46
CA LEU B 206 6.57 -10.59 -12.73
C LEU B 206 5.41 -11.53 -13.01
N GLU B 207 5.28 -12.63 -12.26
CA GLU B 207 4.15 -13.53 -12.47
C GLU B 207 2.88 -12.96 -11.85
N ARG B 208 2.94 -12.62 -10.55
CA ARG B 208 1.80 -11.97 -9.91
C ARG B 208 1.53 -10.59 -10.50
N SER B 209 2.51 -10.03 -11.23
CA SER B 209 2.27 -8.79 -11.95
C SER B 209 1.18 -8.95 -12.99
N ARG B 210 1.21 -10.08 -13.71
CA ARG B 210 0.23 -10.35 -14.76
C ARG B 210 -0.85 -11.34 -14.33
N HIS B 211 -0.64 -12.09 -13.25
CA HIS B 211 -1.69 -12.95 -12.73
C HIS B 211 -2.83 -12.10 -12.17
N ILE B 212 -4.05 -12.53 -12.44
CA ILE B 212 -5.23 -11.78 -12.04
C ILE B 212 -5.96 -12.52 -10.92
N LEU B 213 -6.40 -13.75 -11.19
CA LEU B 213 -7.16 -14.50 -10.20
C LEU B 213 -6.24 -15.33 -9.31
N ALA B 214 -5.19 -15.92 -9.88
CA ALA B 214 -4.25 -16.70 -9.09
C ALA B 214 -3.48 -15.85 -8.10
N ALA B 215 -3.28 -14.57 -8.40
CA ALA B 215 -2.58 -13.69 -7.47
C ALA B 215 -3.42 -13.41 -6.23
N TRP B 216 -4.73 -13.20 -6.42
CA TRP B 216 -5.60 -12.92 -5.28
C TRP B 216 -5.78 -14.18 -4.43
N GLU B 217 -6.04 -13.94 -3.13
CA GLU B 217 -6.18 -15.01 -2.14
C GLU B 217 -4.88 -15.81 -1.98
N GLY B 218 -3.78 -15.26 -2.51
CA GLY B 218 -2.47 -15.87 -2.34
C GLY B 218 -1.50 -14.92 -1.69
N ILE B 219 -1.74 -13.61 -1.85
CA ILE B 219 -0.96 -12.57 -1.19
C ILE B 219 -1.83 -11.61 -0.41
N SER B 220 -3.15 -11.76 -0.46
CA SER B 220 -4.05 -10.90 0.29
C SER B 220 -3.99 -11.25 1.78
N GLU B 221 -4.66 -10.44 2.59
CA GLU B 221 -4.75 -10.63 4.04
C GLU B 221 -3.38 -10.44 4.67
N LEU B 222 -2.40 -10.02 3.87
CA LEU B 222 -1.04 -9.87 4.34
C LEU B 222 -0.86 -8.51 5.03
N PRO B 223 -0.40 -8.51 6.28
CA PRO B 223 -0.43 -7.27 7.08
C PRO B 223 0.37 -6.13 6.49
N ILE B 224 1.49 -6.42 5.83
CA ILE B 224 2.35 -5.38 5.26
C ILE B 224 2.37 -5.53 3.75
N PRO B 225 2.05 -4.48 2.99
CA PRO B 225 2.10 -4.59 1.52
C PRO B 225 3.48 -4.90 0.99
N ALA B 226 4.54 -4.50 1.70
CA ALA B 226 5.89 -4.82 1.26
C ALA B 226 6.13 -6.33 1.23
N LEU B 227 5.42 -7.09 2.06
CA LEU B 227 5.54 -8.54 2.05
C LEU B 227 4.96 -9.18 0.80
N ALA B 228 4.14 -8.44 0.04
CA ALA B 228 3.67 -8.96 -1.23
C ALA B 228 4.78 -9.01 -2.27
N ALA B 229 5.83 -8.20 -2.08
CA ALA B 229 7.01 -8.29 -2.95
C ALA B 229 7.84 -9.52 -2.61
N TRP B 230 7.69 -10.05 -1.41
CA TRP B 230 8.46 -11.17 -0.89
C TRP B 230 8.29 -12.41 -1.76
N PRO B 231 9.32 -13.24 -1.87
CA PRO B 231 9.19 -14.51 -2.61
C PRO B 231 8.13 -15.39 -1.99
N PRO B 232 7.48 -16.24 -2.78
CA PRO B 232 6.45 -17.13 -2.22
C PRO B 232 6.98 -18.02 -1.11
N SER B 233 8.24 -18.43 -1.21
CA SER B 233 8.89 -19.22 -0.16
C SER B 233 9.12 -18.42 1.11
N HIS B 234 9.54 -17.16 1.00
CA HIS B 234 9.66 -16.32 2.18
C HIS B 234 8.30 -16.00 2.79
N LEU B 235 7.23 -16.03 2.01
CA LEU B 235 5.90 -15.87 2.57
C LEU B 235 5.43 -17.14 3.25
N ARG B 236 5.79 -18.31 2.71
CA ARG B 236 5.49 -19.56 3.39
C ARG B 236 6.25 -19.66 4.72
N TRP B 237 7.50 -19.22 4.73
CA TRP B 237 8.29 -19.15 5.95
C TRP B 237 7.67 -18.25 7.01
N LEU B 238 6.87 -17.26 6.61
CA LEU B 238 6.17 -16.40 7.54
C LEU B 238 4.97 -17.08 8.19
N HIS B 239 4.31 -17.99 7.50
CA HIS B 239 3.13 -18.67 8.00
C HIS B 239 3.47 -19.90 8.83
N GLU B 240 4.74 -20.10 9.14
CA GLU B 240 5.22 -21.22 9.93
C GLU B 240 5.59 -20.78 11.34
N PRO B 241 5.61 -21.70 12.30
CA PRO B 241 5.79 -21.29 13.70
C PRO B 241 7.13 -20.60 13.95
N LEU B 242 7.10 -19.67 14.91
CA LEU B 242 8.28 -18.97 15.35
C LEU B 242 9.19 -19.89 16.14
N ASP B 243 10.49 -19.81 15.86
CA ASP B 243 11.48 -20.60 16.58
C ASP B 243 12.19 -19.71 17.59
N PRO B 244 12.10 -19.98 18.89
CA PRO B 244 12.65 -19.04 19.88
C PRO B 244 14.17 -19.00 19.89
N VAL B 245 14.81 -19.95 19.23
CA VAL B 245 16.26 -20.05 19.27
C VAL B 245 16.83 -19.76 17.89
N GLN B 246 16.07 -20.10 16.84
CA GLN B 246 16.53 -19.90 15.48
C GLN B 246 16.16 -18.52 14.93
N ASP B 247 15.00 -17.99 15.33
CA ASP B 247 14.51 -16.71 14.83
C ASP B 247 14.93 -15.55 15.71
N LYS B 248 15.91 -15.76 16.60
CA LYS B 248 16.37 -14.67 17.46
C LYS B 248 16.99 -13.55 16.63
N ALA B 249 17.76 -13.89 15.61
CA ALA B 249 18.35 -12.88 14.73
C ALA B 249 17.27 -12.10 14.00
N TRP B 250 16.23 -12.81 13.53
CA TRP B 250 15.13 -12.15 12.83
C TRP B 250 14.40 -11.18 13.74
N VAL B 251 14.03 -11.63 14.94
CA VAL B 251 13.27 -10.78 15.84
C VAL B 251 14.11 -9.60 16.34
N GLN B 252 15.40 -9.84 16.57
CA GLN B 252 16.30 -8.76 16.98
C GLN B 252 16.45 -7.71 15.90
N ALA B 253 16.47 -8.12 14.63
CA ALA B 253 16.57 -7.21 13.51
C ALA B 253 15.23 -6.60 13.11
N LEU B 254 14.16 -7.02 13.76
CA LEU B 254 12.83 -6.54 13.42
C LEU B 254 12.60 -5.14 13.99
N PRO B 255 12.19 -4.16 13.16
CA PRO B 255 11.78 -2.87 13.71
C PRO B 255 10.53 -3.01 14.55
N LYS B 256 10.59 -2.58 15.81
CA LYS B 256 9.55 -2.87 16.78
C LYS B 256 8.97 -1.60 17.39
N VAL B 257 7.79 -1.75 18.00
CA VAL B 257 7.07 -0.67 18.64
C VAL B 257 6.90 -1.02 20.11
N GLU B 258 7.22 -0.06 20.98
CA GLU B 258 7.11 -0.23 22.42
C GLU B 258 6.07 0.75 22.94
N LEU B 259 4.95 0.24 23.46
CA LEU B 259 3.88 1.09 23.94
C LEU B 259 3.73 1.08 25.47
N HIS B 260 4.44 0.20 26.17
CA HIS B 260 4.29 0.05 27.61
C HIS B 260 5.68 -0.17 28.21
N CYS B 261 6.32 0.92 28.60
CA CYS B 261 7.69 0.87 29.14
C CYS B 261 7.81 1.91 30.24
N HIS B 262 7.75 1.46 31.49
CA HIS B 262 7.90 2.35 32.62
C HIS B 262 9.36 2.78 32.76
N LEU B 263 9.57 4.09 32.93
CA LEU B 263 10.92 4.63 33.07
C LEU B 263 11.61 4.12 34.31
N GLY B 264 10.88 4.04 35.43
CA GLY B 264 11.45 3.68 36.71
C GLY B 264 11.77 2.21 36.90
N GLY B 265 11.53 1.38 35.89
CA GLY B 265 11.87 -0.02 35.99
C GLY B 265 12.87 -0.49 34.95
N PHE B 266 13.89 0.33 34.67
CA PHE B 266 14.84 0.00 33.61
C PHE B 266 16.21 -0.35 34.16
N ALA B 267 16.84 0.53 34.94
CA ALA B 267 18.12 0.23 35.58
C ALA B 267 17.89 -0.07 37.05
N THR B 268 17.37 -1.26 37.33
CA THR B 268 16.99 -1.63 38.69
C THR B 268 17.96 -2.60 39.34
N HIS B 269 18.83 -3.26 38.57
CA HIS B 269 19.84 -4.13 39.15
C HIS B 269 20.94 -4.34 38.13
N GLY B 270 22.14 -4.65 38.63
CA GLY B 270 23.26 -4.97 37.77
C GLY B 270 24.11 -3.78 37.39
N GLU B 271 24.66 -3.82 36.18
CA GLU B 271 25.57 -2.75 35.74
C GLU B 271 24.81 -1.47 35.40
N LEU B 272 23.60 -1.57 34.86
CA LEU B 272 22.83 -0.37 34.54
C LEU B 272 22.47 0.40 35.80
N LEU B 273 22.12 -0.30 36.87
CA LEU B 273 21.85 0.35 38.14
C LEU B 273 23.06 1.12 38.64
N HIS B 274 24.24 0.52 38.56
CA HIS B 274 25.43 1.19 39.06
C HIS B 274 25.96 2.26 38.11
N LYS B 275 25.51 2.26 36.85
CA LYS B 275 25.81 3.38 35.96
C LYS B 275 24.91 4.57 36.25
N VAL B 276 23.61 4.33 36.40
CA VAL B 276 22.72 5.44 36.75
C VAL B 276 23.03 5.92 38.16
N ARG B 277 23.63 5.08 38.99
CA ARG B 277 24.06 5.44 40.33
C ARG B 277 25.41 6.15 40.34
N GLN B 278 26.20 6.06 39.27
CA GLN B 278 27.46 6.79 39.26
C GLN B 278 27.38 8.08 38.45
N GLU B 279 26.41 8.24 37.58
CA GLU B 279 26.21 9.53 36.92
C GLU B 279 25.44 10.51 37.79
N ALA B 280 25.36 10.27 39.10
CA ALA B 280 24.61 11.12 40.01
C ALA B 280 25.25 12.50 40.13
N ALA B 281 24.41 13.52 40.30
CA ALA B 281 24.89 14.87 40.54
C ALA B 281 25.38 15.04 41.97
N ASN B 282 24.67 14.44 42.93
CA ASN B 282 25.05 14.46 44.35
C ASN B 282 25.33 13.04 44.79
N PRO B 283 26.60 12.61 44.80
CA PRO B 283 26.92 11.21 45.10
C PRO B 283 26.87 10.83 46.57
N GLU B 284 26.46 11.74 47.46
CA GLU B 284 26.44 11.41 48.89
C GLU B 284 25.02 11.46 49.47
N SER B 285 24.05 11.99 48.75
CA SER B 285 22.65 11.89 49.13
C SER B 285 22.00 10.66 48.51
N LEU B 286 22.77 9.84 47.82
CA LEU B 286 22.26 8.72 47.06
C LEU B 286 21.90 7.56 48.00
N PRO B 287 20.69 7.00 47.89
CA PRO B 287 20.29 5.93 48.80
C PRO B 287 21.15 4.70 48.63
N PRO B 288 21.39 3.96 49.70
CA PRO B 288 22.21 2.74 49.60
C PRO B 288 21.52 1.67 48.78
N VAL B 289 22.32 0.80 48.19
CA VAL B 289 21.81 -0.29 47.35
C VAL B 289 21.20 -1.35 48.27
N ARG B 290 19.88 -1.42 48.30
CA ARG B 290 19.18 -2.41 49.10
C ARG B 290 19.39 -3.80 48.52
N ALA B 291 19.63 -4.78 49.40
CA ALA B 291 19.80 -6.15 48.97
C ALA B 291 18.48 -6.72 48.48
N ILE B 292 18.32 -6.82 47.17
CA ILE B 292 17.11 -7.35 46.55
C ILE B 292 17.49 -8.60 45.78
N PRO B 293 17.33 -9.78 46.36
CA PRO B 293 17.67 -11.02 45.65
C PRO B 293 16.62 -11.36 44.60
N LEU B 294 17.07 -11.59 43.39
CA LEU B 294 16.16 -11.95 42.32
C LEU B 294 15.62 -13.37 42.54
N PRO B 295 14.40 -13.65 42.13
CA PRO B 295 13.84 -15.00 42.30
C PRO B 295 14.65 -16.02 41.54
N PRO B 296 14.77 -17.25 42.08
CA PRO B 296 15.56 -18.29 41.41
C PRO B 296 15.01 -18.60 40.02
N GLY B 297 15.90 -18.57 39.03
CA GLY B 297 15.55 -18.84 37.66
C GLY B 297 15.30 -17.61 36.81
N TRP B 298 15.23 -16.43 37.44
CA TRP B 298 14.97 -15.16 36.78
C TRP B 298 15.81 -15.02 35.52
N PRO B 299 15.24 -14.52 34.42
CA PRO B 299 13.89 -13.95 34.26
C PRO B 299 12.74 -14.95 34.25
N ILE B 300 12.95 -16.25 34.11
CA ILE B 300 11.87 -17.23 34.10
C ILE B 300 11.84 -17.89 35.49
N PRO B 301 10.90 -17.56 36.35
CA PRO B 301 10.86 -18.16 37.68
C PRO B 301 10.11 -19.48 37.69
N GLU B 302 10.46 -20.32 38.67
CA GLU B 302 9.81 -21.61 38.80
C GLU B 302 8.34 -21.46 39.16
N GLU B 303 8.03 -20.49 40.01
CA GLU B 303 6.67 -20.19 40.44
C GLU B 303 6.38 -18.70 40.27
N PRO B 304 5.13 -18.33 40.02
CA PRO B 304 4.79 -16.90 39.97
C PRO B 304 5.08 -16.21 41.28
N ILE B 305 5.50 -14.96 41.20
CA ILE B 305 5.92 -14.20 42.37
C ILE B 305 4.91 -13.13 42.80
N GLY B 306 3.90 -12.86 41.99
CA GLY B 306 2.89 -11.88 42.34
C GLY B 306 3.31 -10.46 42.01
N LEU B 307 2.34 -9.56 42.15
CA LEU B 307 2.57 -8.17 41.77
C LEU B 307 3.38 -7.39 42.80
N GLU B 308 3.15 -7.60 44.10
CA GLU B 308 3.86 -6.85 45.12
C GLU B 308 5.35 -7.20 45.13
N ARG B 309 5.67 -8.49 45.03
CA ARG B 309 7.07 -8.91 44.97
C ARG B 309 7.75 -8.39 43.70
N TYR B 310 7.04 -8.43 42.57
CA TYR B 310 7.58 -7.85 41.34
C TYR B 310 7.88 -6.37 41.51
N MET B 311 6.97 -5.63 42.13
CA MET B 311 7.19 -4.20 42.35
C MET B 311 8.36 -3.94 43.29
N ARG B 312 8.49 -4.73 44.36
CA ARG B 312 9.60 -4.54 45.29
C ARG B 312 10.94 -4.96 44.67
N LEU B 313 10.91 -5.77 43.61
CA LEU B 313 12.15 -6.03 42.87
C LEU B 313 12.78 -4.75 42.32
N GLY B 314 11.97 -3.79 41.87
CA GLY B 314 12.50 -2.52 41.41
C GLY B 314 12.53 -1.45 42.48
N ASP B 315 13.19 -1.72 43.60
CA ASP B 315 13.25 -0.79 44.72
C ASP B 315 14.59 -0.08 44.83
N ASN B 316 15.60 -0.49 44.07
CA ASN B 316 16.85 0.23 44.00
C ASN B 316 16.81 1.39 43.01
N ASN B 317 15.73 1.52 42.25
CA ASN B 317 15.58 2.61 41.29
C ASN B 317 14.16 3.15 41.40
N GLY B 318 13.88 4.22 40.66
CA GLY B 318 12.59 4.88 40.74
C GLY B 318 12.64 6.14 41.56
N SER B 319 11.80 6.22 42.59
CA SER B 319 11.82 7.39 43.48
C SER B 319 13.14 7.47 44.25
N ALA B 320 13.78 6.34 44.49
CA ALA B 320 15.06 6.31 45.20
C ALA B 320 16.13 7.11 44.48
N LEU B 321 16.34 6.84 43.19
CA LEU B 321 17.44 7.42 42.45
C LEU B 321 17.06 8.63 41.62
N LEU B 322 15.89 8.62 40.97
CA LEU B 322 15.58 9.58 39.92
C LEU B 322 15.20 10.95 40.46
N LYS B 323 15.14 11.13 41.77
CA LYS B 323 15.03 12.48 42.31
C LYS B 323 16.33 13.26 42.19
N ASP B 324 17.43 12.58 41.87
CA ASP B 324 18.68 13.23 41.55
C ASP B 324 18.71 13.53 40.05
N PRO B 325 18.95 14.79 39.66
CA PRO B 325 18.93 15.11 38.21
C PRO B 325 19.94 14.32 37.39
N GLY B 326 21.12 14.05 37.93
CA GLY B 326 22.11 13.27 37.21
C GLY B 326 21.70 11.83 37.02
N CYS B 327 21.11 11.22 38.05
CA CYS B 327 20.58 9.87 37.92
C CYS B 327 19.46 9.80 36.91
N LEU B 328 18.56 10.80 36.89
CA LEU B 328 17.49 10.83 35.91
C LEU B 328 18.02 11.00 34.49
N ARG B 329 19.04 11.84 34.30
CA ARG B 329 19.65 11.98 32.97
C ARG B 329 20.27 10.66 32.52
N ALA B 330 21.04 10.01 33.41
CA ALA B 330 21.63 8.72 33.06
C ALA B 330 20.55 7.70 32.73
N GLN B 331 19.47 7.69 33.50
CA GLN B 331 18.39 6.75 33.26
C GLN B 331 17.74 6.97 31.90
N CYS B 332 17.45 8.21 31.54
CA CYS B 332 16.86 8.50 30.24
C CYS B 332 17.80 8.18 29.08
N ARG B 333 19.07 8.59 29.15
CA ARG B 333 19.99 8.27 28.07
C ARG B 333 20.24 6.78 27.93
N LEU B 334 20.40 6.05 29.03
CA LEU B 334 20.60 4.61 28.95
C LEU B 334 19.36 3.85 28.51
N LEU B 335 18.16 4.30 28.90
CA LEU B 335 16.96 3.68 28.37
C LEU B 335 16.82 3.93 26.88
N TYR B 336 17.16 5.13 26.41
CA TYR B 336 17.13 5.38 24.98
C TYR B 336 18.15 4.52 24.25
N GLU B 337 19.33 4.32 24.85
CA GLU B 337 20.32 3.43 24.24
C GLU B 337 19.82 1.99 24.19
N ALA B 338 19.16 1.53 25.26
CA ALA B 338 18.60 0.19 25.26
C ALA B 338 17.52 0.05 24.19
N LEU B 339 16.69 1.08 24.02
CA LEU B 339 15.72 1.08 22.92
C LEU B 339 16.41 1.07 21.56
N LEU B 340 17.53 1.79 21.42
CA LEU B 340 18.26 1.82 20.16
C LEU B 340 18.84 0.46 19.80
N ALA B 341 19.43 -0.23 20.78
CA ALA B 341 20.05 -1.53 20.54
C ALA B 341 19.05 -2.63 20.22
N ASP B 342 17.77 -2.41 20.49
CA ASP B 342 16.74 -3.40 20.26
C ASP B 342 15.91 -3.13 19.01
N HIS B 343 16.37 -2.21 18.15
CA HIS B 343 15.70 -1.90 16.89
C HIS B 343 14.28 -1.38 17.11
N VAL B 344 14.06 -0.70 18.22
CA VAL B 344 12.75 -0.11 18.51
C VAL B 344 12.60 1.16 17.67
N ALA B 345 11.68 1.15 16.71
CA ALA B 345 11.43 2.28 15.85
C ALA B 345 10.66 3.39 16.56
N TYR B 346 9.65 3.02 17.33
CA TYR B 346 8.82 3.98 18.06
C TYR B 346 8.61 3.45 19.48
N ALA B 347 8.63 4.35 20.46
CA ALA B 347 8.47 3.97 21.85
C ALA B 347 7.64 5.00 22.59
N GLU B 348 6.74 4.51 23.45
CA GLU B 348 5.98 5.34 24.37
C GLU B 348 6.44 5.00 25.78
N ILE B 349 7.20 5.90 26.39
CA ILE B 349 7.79 5.66 27.71
C ILE B 349 6.85 6.21 28.77
N ARG B 350 6.44 5.35 29.70
CA ARG B 350 5.58 5.76 30.81
C ARG B 350 6.44 6.30 31.93
N CYS B 351 6.16 7.53 32.35
CA CYS B 351 6.91 8.16 33.41
C CYS B 351 5.94 8.80 34.39
N SER B 352 6.38 8.93 35.63
CA SER B 352 5.59 9.59 36.68
C SER B 352 6.46 10.69 37.26
N PRO B 353 6.41 11.89 36.68
CA PRO B 353 7.37 12.97 37.11
C PRO B 353 7.29 13.38 38.56
N ALA B 354 6.14 13.17 39.21
CA ALA B 354 6.02 13.54 40.61
C ALA B 354 6.75 12.55 41.52
N ASN B 355 6.72 11.26 41.17
CA ASN B 355 7.50 10.27 41.90
C ASN B 355 8.98 10.59 41.89
N TYR B 356 9.45 11.33 40.89
CA TYR B 356 10.86 11.70 40.79
C TYR B 356 11.07 13.17 41.14
N ALA B 357 10.05 13.85 41.64
CA ALA B 357 10.13 15.27 41.95
C ALA B 357 10.69 15.49 43.35
N SER B 358 11.68 16.37 43.44
CA SER B 358 12.34 16.69 44.69
C SER B 358 11.82 18.03 45.21
N ALA B 359 12.37 18.46 46.35
CA ALA B 359 11.96 19.75 46.93
C ALA B 359 12.36 20.90 46.02
N SER B 360 13.53 20.82 45.41
CA SER B 360 14.01 21.83 44.47
C SER B 360 13.64 21.50 43.02
N ARG B 361 12.93 20.40 42.80
CA ARG B 361 12.62 19.93 41.44
C ARG B 361 11.13 19.62 41.39
N SER B 362 10.35 20.55 40.87
CA SER B 362 8.91 20.36 40.74
C SER B 362 8.62 19.31 39.68
N PRO B 363 7.41 18.73 39.69
CA PRO B 363 7.08 17.74 38.66
C PRO B 363 7.24 18.26 37.25
N TRP B 364 6.99 19.54 37.01
CA TRP B 364 7.15 20.09 35.67
C TRP B 364 8.63 20.15 35.29
N VAL B 365 9.51 20.49 36.24
CA VAL B 365 10.94 20.48 35.97
C VAL B 365 11.40 19.07 35.63
N VAL B 366 10.94 18.08 36.39
CA VAL B 366 11.32 16.69 36.13
C VAL B 366 10.84 16.25 34.75
N LEU B 367 9.58 16.56 34.42
CA LEU B 367 9.02 16.15 33.14
C LEU B 367 9.76 16.84 31.98
N GLN B 368 10.05 18.13 32.15
CA GLN B 368 10.75 18.87 31.11
C GLN B 368 12.16 18.33 30.90
N GLU B 369 12.83 17.96 31.99
CA GLU B 369 14.17 17.39 31.86
C GLU B 369 14.13 16.03 31.18
N ILE B 370 13.14 15.20 31.51
CA ILE B 370 12.99 13.90 30.85
C ILE B 370 12.77 14.09 29.36
N ARG B 371 11.88 15.03 29.01
CA ARG B 371 11.60 15.32 27.61
C ARG B 371 12.84 15.83 26.89
N ASN B 372 13.62 16.70 27.53
CA ASN B 372 14.82 17.24 26.89
C ASN B 372 15.90 16.16 26.73
N HIS B 373 16.05 15.28 27.72
CA HIS B 373 16.98 14.17 27.58
C HIS B 373 16.62 13.31 26.38
N PHE B 374 15.35 12.91 26.29
CA PHE B 374 14.96 12.06 25.17
C PHE B 374 15.04 12.81 23.84
N GLN B 375 14.71 14.11 23.84
CA GLN B 375 14.81 14.91 22.62
C GLN B 375 16.25 15.02 22.15
N GLN B 376 17.19 15.25 23.06
CA GLN B 376 18.60 15.27 22.71
C GLN B 376 19.05 13.91 22.18
N ALA B 377 18.61 12.84 22.83
CA ALA B 377 18.99 11.50 22.41
C ALA B 377 18.51 11.20 20.98
N MET B 378 17.27 11.57 20.67
CA MET B 378 16.77 11.38 19.32
C MET B 378 17.46 12.30 18.33
N GLU B 379 17.77 13.53 18.74
CA GLU B 379 18.40 14.49 17.82
C GLU B 379 19.85 14.12 17.54
N GLU B 380 20.49 13.37 18.42
CA GLU B 380 21.84 12.86 18.18
C GLU B 380 21.84 11.58 17.34
N THR B 381 20.69 11.17 16.81
CA THR B 381 20.57 9.89 16.15
C THR B 381 20.15 10.09 14.70
N PRO B 382 20.75 9.36 13.76
CA PRO B 382 20.31 9.42 12.36
C PRO B 382 18.86 9.01 12.17
N GLU B 383 18.19 9.57 11.17
CA GLU B 383 16.74 9.41 11.07
C GLU B 383 16.33 7.98 10.66
N ASP B 384 17.15 7.27 9.87
CA ASP B 384 16.89 5.85 9.75
C ASP B 384 17.70 5.02 10.75
N ARG B 385 17.81 5.49 11.99
CA ARG B 385 18.29 4.64 13.07
C ARG B 385 17.51 5.07 14.30
N ARG B 386 16.79 6.18 14.17
CA ARG B 386 16.19 6.87 15.31
C ARG B 386 14.98 6.14 15.88
N CYS B 387 14.86 6.19 17.19
CA CYS B 387 13.66 5.77 17.90
C CYS B 387 12.90 7.01 18.34
N HIS B 388 11.65 7.14 17.89
CA HIS B 388 10.83 8.26 18.35
C HIS B 388 10.24 7.91 19.72
N VAL B 389 10.74 8.58 20.75
CA VAL B 389 10.25 8.39 22.11
C VAL B 389 9.16 9.43 22.38
N ASN B 390 7.95 8.95 22.65
CA ASN B 390 6.87 9.77 23.19
C ASN B 390 6.71 9.44 24.67
N LEU B 391 6.03 10.32 25.39
CA LEU B 391 5.92 10.18 26.83
C LEU B 391 4.47 10.05 27.27
N LEU B 392 4.25 9.15 28.23
CA LEU B 392 2.98 9.00 28.91
C LEU B 392 3.18 9.31 30.39
N LEU B 393 2.15 9.86 31.01
CA LEU B 393 2.21 10.20 32.43
C LEU B 393 1.32 9.24 33.21
N THR B 394 1.85 8.68 34.29
CA THR B 394 1.23 7.58 35.01
C THR B 394 0.59 8.07 36.29
N ALA B 395 -0.59 7.54 36.61
CA ALA B 395 -1.29 7.80 37.88
C ALA B 395 -1.18 6.55 38.75
N THR B 396 -0.28 6.61 39.73
CA THR B 396 0.10 5.48 40.59
C THR B 396 -0.74 5.41 41.87
N ARG B 397 -0.17 4.77 42.90
CA ARG B 397 -0.68 4.74 44.29
C ARG B 397 -2.02 4.01 44.45
N GLU B 398 -1.96 2.69 44.36
CA GLU B 398 -3.10 1.84 44.69
C GLU B 398 -3.70 2.23 46.05
N GLU B 399 -4.99 1.92 46.21
CA GLU B 399 -5.74 2.21 47.42
C GLU B 399 -5.78 3.70 47.76
N GLY B 400 -6.37 4.48 46.87
CA GLY B 400 -6.80 5.83 47.17
C GLY B 400 -6.42 6.85 46.12
N GLY B 401 -7.44 7.42 45.47
CA GLY B 401 -7.26 8.45 44.48
C GLY B 401 -7.46 9.86 45.01
N ASP B 402 -6.60 10.30 45.93
CA ASP B 402 -6.74 11.65 46.48
C ASP B 402 -6.85 12.66 45.34
N ARG B 403 -7.93 13.43 45.34
CA ARG B 403 -8.33 14.26 44.22
C ARG B 403 -7.31 15.34 43.89
N SER B 404 -6.42 15.64 44.82
CA SER B 404 -5.38 16.63 44.61
C SER B 404 -4.27 16.14 43.69
N ARG B 405 -3.99 14.84 43.68
CA ARG B 405 -2.92 14.28 42.88
C ARG B 405 -3.33 14.07 41.42
N ILE B 406 -4.57 13.60 41.19
CA ILE B 406 -5.05 13.44 39.83
C ILE B 406 -5.17 14.80 39.14
N ALA B 407 -5.65 15.80 39.88
CA ALA B 407 -5.77 17.15 39.33
C ALA B 407 -4.40 17.71 38.96
N ARG B 408 -3.40 17.49 39.81
CA ARG B 408 -2.05 17.90 39.49
C ARG B 408 -1.49 17.10 38.31
N HIS B 409 -1.81 15.81 38.25
CA HIS B 409 -1.29 14.94 37.19
C HIS B 409 -1.88 15.30 35.84
N LEU B 410 -3.21 15.42 35.77
CA LEU B 410 -3.86 15.71 34.50
C LEU B 410 -3.56 17.13 34.03
N ALA B 411 -3.46 18.08 34.95
CA ALA B 411 -3.09 19.43 34.57
C ALA B 411 -1.67 19.48 34.02
N LEU B 412 -0.75 18.75 34.62
CA LEU B 412 0.61 18.67 34.10
C LEU B 412 0.61 18.03 32.71
N ALA B 413 -0.18 16.98 32.52
CA ALA B 413 -0.29 16.33 31.23
C ALA B 413 -0.83 17.28 30.17
N ILE B 414 -1.82 18.08 30.54
CA ILE B 414 -2.43 19.02 29.59
C ILE B 414 -1.46 20.14 29.25
N THR B 415 -0.76 20.66 30.25
CA THR B 415 0.24 21.70 29.99
C THR B 415 1.37 21.18 29.12
N ALA B 416 1.83 19.95 29.37
CA ALA B 416 2.90 19.39 28.57
C ALA B 416 2.43 19.00 27.18
N ALA B 417 1.14 18.71 27.01
CA ALA B 417 0.61 18.37 25.70
C ALA B 417 0.71 19.53 24.74
N GLU B 418 0.49 20.76 25.23
CA GLU B 418 0.53 21.95 24.40
C GLU B 418 1.90 22.62 24.37
N HIS B 419 2.85 22.15 25.16
CA HIS B 419 4.17 22.76 25.21
C HIS B 419 5.05 22.31 24.06
N TRP B 420 4.88 21.08 23.59
CA TRP B 420 5.72 20.49 22.56
C TRP B 420 4.84 19.91 21.46
N LYS B 421 5.22 20.18 20.20
CA LYS B 421 4.54 19.62 19.04
C LYS B 421 5.43 18.74 18.19
N ASN B 422 6.75 18.79 18.38
CA ASN B 422 7.68 18.03 17.57
C ASN B 422 8.62 17.25 18.47
N GLY B 423 9.17 16.17 17.92
CA GLY B 423 10.04 15.31 18.68
C GLY B 423 9.30 14.68 19.85
N CYS B 424 10.02 14.53 20.96
CA CYS B 424 9.42 13.93 22.14
C CYS B 424 8.36 14.85 22.71
N ARG B 425 7.18 14.27 22.97
CA ARG B 425 6.07 15.04 23.50
C ARG B 425 5.17 14.09 24.30
N VAL B 426 4.38 14.68 25.17
CA VAL B 426 3.43 13.92 26.00
C VAL B 426 2.17 13.68 25.18
N VAL B 427 1.77 12.42 25.09
CA VAL B 427 0.70 12.03 24.17
C VAL B 427 -0.47 11.38 24.89
N GLY B 428 -0.34 11.19 26.20
CA GLY B 428 -1.43 10.58 26.93
C GLY B 428 -1.11 10.42 28.40
N VAL B 429 -2.06 9.80 29.10
CA VAL B 429 -1.95 9.52 30.52
C VAL B 429 -2.19 8.03 30.73
N ASP B 430 -1.43 7.44 31.65
CA ASP B 430 -1.62 6.05 32.03
C ASP B 430 -2.26 6.01 33.40
N LEU B 431 -3.34 5.25 33.53
CA LEU B 431 -4.11 5.18 34.77
C LEU B 431 -3.79 3.85 35.46
N ALA B 432 -2.80 3.88 36.34
CA ALA B 432 -2.48 2.74 37.20
C ALA B 432 -3.35 2.81 38.45
N GLY B 433 -3.28 1.77 39.27
CA GLY B 433 -4.17 1.63 40.39
C GLY B 433 -5.58 1.23 39.99
N PHE B 434 -5.79 0.94 38.71
CA PHE B 434 -7.10 0.56 38.22
C PHE B 434 -7.59 -0.74 38.83
N GLU B 435 -6.68 -1.57 39.36
CA GLU B 435 -6.93 -2.85 40.01
C GLU B 435 -7.41 -2.72 41.48
N ASP B 436 -7.88 -1.52 41.87
CA ASP B 436 -8.48 -1.28 43.16
C ASP B 436 -9.94 -0.85 42.95
N ARG B 437 -10.59 -0.43 44.04
CA ARG B 437 -11.96 0.08 43.93
C ARG B 437 -12.02 1.54 44.36
N THR B 438 -11.22 1.93 45.34
CA THR B 438 -11.19 3.34 45.75
C THR B 438 -10.51 4.19 44.69
N THR B 439 -9.33 3.77 44.23
CA THR B 439 -8.64 4.49 43.17
C THR B 439 -9.43 4.44 41.87
N ARG B 440 -10.06 3.30 41.57
CA ARG B 440 -10.91 3.16 40.40
C ARG B 440 -12.12 4.07 40.45
N ALA B 441 -12.77 4.19 41.62
CA ALA B 441 -13.89 5.10 41.78
C ALA B 441 -13.43 6.55 41.64
N ALA B 442 -12.25 6.87 42.15
CA ALA B 442 -11.69 8.20 41.96
C ALA B 442 -11.42 8.50 40.49
N MET B 443 -10.91 7.50 39.74
CA MET B 443 -10.70 7.68 38.31
C MET B 443 -12.01 7.94 37.59
N PHE B 444 -13.05 7.15 37.87
CA PHE B 444 -14.33 7.36 37.21
C PHE B 444 -15.06 8.60 37.72
N ALA B 445 -14.68 9.14 38.87
CA ALA B 445 -15.24 10.40 39.33
C ALA B 445 -14.45 11.61 38.84
N THR B 446 -13.30 11.39 38.23
CA THR B 446 -12.49 12.48 37.68
C THR B 446 -12.95 12.82 36.27
N ASP B 447 -12.97 14.11 35.97
CA ASP B 447 -13.33 14.58 34.63
C ASP B 447 -12.10 14.51 33.73
N PHE B 448 -12.16 13.64 32.73
CA PHE B 448 -11.09 13.51 31.75
C PHE B 448 -11.37 14.27 30.48
N GLU B 449 -12.41 15.12 30.48
CA GLU B 449 -12.76 15.87 29.28
C GLU B 449 -11.68 16.83 28.82
N PRO B 450 -11.00 17.60 29.69
CA PRO B 450 -9.86 18.39 29.19
C PRO B 450 -8.78 17.54 28.56
N VAL B 451 -8.52 16.36 29.13
CA VAL B 451 -7.55 15.44 28.56
C VAL B 451 -7.97 15.06 27.14
N HIS B 452 -9.25 14.75 26.95
CA HIS B 452 -9.74 14.37 25.63
C HIS B 452 -9.70 15.55 24.67
N ARG B 453 -9.97 16.75 25.17
CA ARG B 453 -9.97 17.94 24.31
C ARG B 453 -8.57 18.28 23.81
N VAL B 454 -7.56 18.18 24.68
CA VAL B 454 -6.22 18.59 24.27
C VAL B 454 -5.55 17.55 23.37
N GLY B 455 -6.17 16.39 23.17
CA GLY B 455 -5.60 15.37 22.32
C GLY B 455 -4.89 14.25 23.02
N LEU B 456 -4.93 14.20 24.35
CA LEU B 456 -4.31 13.13 25.10
C LEU B 456 -5.21 11.89 25.12
N ALA B 457 -4.61 10.74 24.86
CA ALA B 457 -5.32 9.48 24.95
C ALA B 457 -5.11 8.85 26.32
N VAL B 458 -5.78 7.73 26.56
CA VAL B 458 -5.82 7.11 27.88
C VAL B 458 -5.51 5.63 27.75
N THR B 459 -4.67 5.12 28.65
CA THR B 459 -4.43 3.70 28.82
C THR B 459 -4.74 3.31 30.26
N VAL B 460 -5.07 2.04 30.47
CA VAL B 460 -5.39 1.51 31.79
C VAL B 460 -4.68 0.17 31.98
N HIS B 461 -4.28 -0.10 33.22
CA HIS B 461 -3.79 -1.44 33.58
C HIS B 461 -4.98 -2.36 33.80
N ALA B 462 -5.10 -3.40 32.98
CA ALA B 462 -6.32 -4.18 32.88
C ALA B 462 -6.05 -5.67 33.02
N GLY B 463 -7.09 -6.40 33.43
CA GLY B 463 -7.12 -7.84 33.35
C GLY B 463 -6.20 -8.58 34.28
N GLU B 464 -5.51 -7.89 35.19
CA GLU B 464 -4.77 -8.59 36.24
C GLU B 464 -5.74 -9.37 37.11
N ASN B 465 -6.88 -8.77 37.43
CA ASN B 465 -8.01 -9.48 38.01
C ASN B 465 -9.11 -9.60 36.96
N ASP B 466 -9.87 -10.69 37.02
CA ASP B 466 -10.94 -10.94 36.05
C ASP B 466 -12.13 -10.02 36.35
N ASP B 467 -11.94 -8.75 36.00
CA ASP B 467 -12.94 -7.70 36.21
C ASP B 467 -13.40 -7.20 34.85
N VAL B 468 -14.48 -7.79 34.33
CA VAL B 468 -15.02 -7.38 33.04
C VAL B 468 -15.61 -5.97 33.14
N GLU B 469 -16.23 -5.65 34.27
CA GLU B 469 -16.93 -4.38 34.43
C GLU B 469 -15.95 -3.21 34.40
N GLY B 470 -14.78 -3.37 35.01
CA GLY B 470 -13.77 -2.32 34.95
C GLY B 470 -13.29 -2.07 33.53
N ILE B 471 -13.15 -3.13 32.74
CA ILE B 471 -12.80 -2.95 31.33
C ILE B 471 -13.89 -2.19 30.61
N TRP B 472 -15.15 -2.57 30.84
CA TRP B 472 -16.26 -1.86 30.21
C TRP B 472 -16.21 -0.38 30.54
N GLN B 473 -16.01 -0.06 31.82
CA GLN B 473 -16.07 1.32 32.27
C GLN B 473 -14.88 2.12 31.76
N ALA B 474 -13.71 1.51 31.69
CA ALA B 474 -12.55 2.18 31.10
C ALA B 474 -12.76 2.44 29.61
N VAL B 475 -13.36 1.48 28.92
CA VAL B 475 -13.54 1.63 27.47
C VAL B 475 -14.54 2.73 27.15
N PHE B 476 -15.69 2.73 27.84
CA PHE B 476 -16.77 3.59 27.42
C PHE B 476 -16.92 4.86 28.26
N LYS B 477 -16.41 4.88 29.48
CA LYS B 477 -16.55 6.06 30.31
C LYS B 477 -15.24 6.84 30.40
N LEU B 478 -14.10 6.17 30.33
CA LEU B 478 -12.81 6.84 30.31
C LEU B 478 -12.31 7.14 28.91
N SER B 479 -12.95 6.58 27.88
CA SER B 479 -12.52 6.71 26.49
C SER B 479 -11.07 6.24 26.33
N ALA B 480 -10.71 5.19 27.07
CA ALA B 480 -9.38 4.62 26.94
C ALA B 480 -9.24 3.93 25.59
N ARG B 481 -8.07 4.09 24.97
CA ARG B 481 -7.81 3.46 23.70
C ARG B 481 -7.02 2.16 23.81
N ARG B 482 -6.25 1.97 24.88
CA ARG B 482 -5.46 0.77 25.06
C ARG B 482 -5.65 0.22 26.47
N LEU B 483 -5.57 -1.10 26.58
CA LEU B 483 -5.70 -1.81 27.85
C LEU B 483 -4.37 -2.50 28.14
N GLY B 484 -3.81 -2.23 29.32
CA GLY B 484 -2.60 -2.93 29.72
C GLY B 484 -2.91 -4.33 30.20
N HIS B 485 -2.12 -5.29 29.73
CA HIS B 485 -2.33 -6.71 30.04
C HIS B 485 -3.69 -7.18 29.55
N ALA B 486 -4.70 -7.17 30.41
CA ALA B 486 -6.05 -7.63 30.08
C ALA B 486 -6.02 -9.08 29.62
N LEU B 487 -5.61 -9.93 30.56
CA LEU B 487 -5.33 -11.33 30.28
C LEU B 487 -6.56 -12.23 30.38
N HIS B 488 -7.71 -11.70 30.77
CA HIS B 488 -8.93 -12.50 30.92
C HIS B 488 -10.10 -11.93 30.13
N LEU B 489 -9.83 -11.41 28.93
CA LEU B 489 -10.91 -10.97 28.06
C LEU B 489 -11.67 -12.15 27.46
N SER B 490 -10.98 -13.26 27.20
CA SER B 490 -11.57 -14.39 26.50
C SER B 490 -12.69 -15.06 27.29
N ARG B 491 -12.77 -14.85 28.59
CA ARG B 491 -13.82 -15.47 29.38
C ARG B 491 -15.19 -14.93 29.00
N SER B 492 -15.28 -13.63 28.73
CA SER B 492 -16.52 -13.02 28.27
C SER B 492 -16.41 -12.75 26.78
N PRO B 493 -17.09 -13.52 25.92
CA PRO B 493 -16.98 -13.26 24.47
C PRO B 493 -17.57 -11.93 24.05
N ASP B 494 -18.50 -11.38 24.83
CA ASP B 494 -19.11 -10.10 24.48
C ASP B 494 -18.11 -8.96 24.58
N LEU B 495 -17.32 -8.95 25.66
CA LEU B 495 -16.27 -7.93 25.79
C LEU B 495 -15.17 -8.15 24.76
N LEU B 496 -14.85 -9.40 24.43
CA LEU B 496 -13.95 -9.67 23.31
C LEU B 496 -14.46 -9.01 22.05
N ARG B 497 -15.74 -9.24 21.70
CA ARG B 497 -16.27 -8.69 20.47
C ARG B 497 -16.24 -7.18 20.48
N VAL B 498 -16.58 -6.56 21.63
CA VAL B 498 -16.58 -5.11 21.71
C VAL B 498 -15.16 -4.56 21.54
N VAL B 499 -14.19 -5.16 22.23
CA VAL B 499 -12.81 -4.68 22.15
C VAL B 499 -12.27 -4.84 20.73
N ALA B 500 -12.56 -5.98 20.09
CA ALA B 500 -12.06 -6.22 18.74
C ALA B 500 -12.72 -5.28 17.74
N GLU B 501 -14.03 -5.08 17.83
CA GLU B 501 -14.74 -4.25 16.87
C GLU B 501 -14.41 -2.78 17.03
N ARG B 502 -14.17 -2.35 18.28
CA ARG B 502 -13.82 -0.95 18.53
C ARG B 502 -12.35 -0.66 18.32
N GLY B 503 -11.54 -1.66 17.96
CA GLY B 503 -10.13 -1.43 17.73
C GLY B 503 -9.35 -1.01 18.95
N ILE B 504 -9.70 -1.53 20.11
CA ILE B 504 -9.02 -1.19 21.36
C ILE B 504 -7.84 -2.14 21.54
N ALA B 505 -6.67 -1.56 21.74
CA ALA B 505 -5.44 -2.35 21.82
C ALA B 505 -5.30 -2.99 23.19
N VAL B 506 -4.73 -4.19 23.19
CA VAL B 506 -4.40 -4.92 24.42
C VAL B 506 -2.89 -5.02 24.50
N GLU B 507 -2.33 -4.55 25.61
CA GLU B 507 -0.88 -4.48 25.77
C GLU B 507 -0.41 -5.69 26.59
N LEU B 508 0.02 -6.73 25.89
CA LEU B 508 0.49 -7.96 26.53
C LEU B 508 2.00 -7.88 26.75
N CYS B 509 2.46 -8.42 27.87
CA CYS B 509 3.88 -8.43 28.22
C CYS B 509 4.31 -9.85 28.58
N PRO B 510 4.89 -10.61 27.64
CA PRO B 510 5.13 -12.04 27.87
C PRO B 510 5.88 -12.38 29.13
N TYR B 511 7.13 -11.89 29.30
CA TYR B 511 7.85 -12.25 30.51
C TYR B 511 7.21 -11.65 31.75
N ALA B 512 6.72 -10.41 31.67
CA ALA B 512 6.11 -9.80 32.85
C ALA B 512 4.87 -10.58 33.29
N ASN B 513 4.02 -10.96 32.34
CA ASN B 513 2.83 -11.73 32.65
C ASN B 513 3.19 -13.11 33.19
N LEU B 514 4.21 -13.73 32.60
CA LEU B 514 4.65 -15.05 33.07
C LEU B 514 5.18 -15.01 34.48
N GLN B 515 5.97 -13.98 34.82
CA GLN B 515 6.55 -13.87 36.15
C GLN B 515 5.54 -13.47 37.21
N ILE B 516 4.72 -12.46 36.92
CA ILE B 516 3.73 -12.03 37.91
C ILE B 516 2.60 -13.04 38.07
N LYS B 517 2.05 -13.55 36.97
CA LYS B 517 0.81 -14.33 37.03
C LYS B 517 1.03 -15.80 36.78
N GLY B 518 2.00 -16.17 35.94
CA GLY B 518 2.28 -17.57 35.64
C GLY B 518 1.44 -18.13 34.52
N PHE B 519 2.09 -18.83 33.59
CA PHE B 519 1.45 -19.38 32.39
C PHE B 519 2.22 -20.62 31.95
N PRO B 520 1.59 -21.49 31.16
CA PRO B 520 2.29 -22.69 30.68
C PRO B 520 3.45 -22.35 29.74
N LEU B 521 4.46 -23.22 29.76
CA LEU B 521 5.62 -23.08 28.89
C LEU B 521 5.86 -24.37 28.11
N ASP B 522 6.02 -24.20 26.80
CA ASP B 522 6.32 -25.29 25.87
C ASP B 522 5.23 -26.36 25.86
N GLU B 523 3.98 -25.94 26.03
CA GLU B 523 2.88 -26.90 25.96
C GLU B 523 2.63 -27.31 24.50
N GLU B 524 1.95 -28.44 24.33
CA GLU B 524 1.72 -28.97 22.98
C GLU B 524 0.40 -28.49 22.37
N GLN B 525 -0.66 -28.38 23.15
CA GLN B 525 -1.94 -27.87 22.69
C GLN B 525 -2.27 -26.63 23.52
N GLU B 526 -3.39 -25.99 23.17
CA GLU B 526 -3.70 -24.71 23.80
C GLU B 526 -4.08 -24.88 25.25
N GLY B 527 -5.20 -25.54 25.51
CA GLY B 527 -5.68 -25.70 26.87
C GLY B 527 -6.45 -24.48 27.34
N SER B 528 -6.65 -24.43 28.66
CA SER B 528 -7.52 -23.42 29.25
C SER B 528 -6.76 -22.29 29.95
N GLU B 529 -5.63 -22.60 30.58
CA GLU B 529 -4.90 -21.64 31.39
C GLU B 529 -3.74 -21.04 30.61
N THR B 530 -3.72 -21.27 29.30
CA THR B 530 -2.64 -20.85 28.41
C THR B 530 -2.72 -19.34 28.20
N TYR B 531 -1.58 -18.75 27.87
CA TYR B 531 -1.50 -17.33 27.56
C TYR B 531 -2.50 -17.00 26.46
N PRO B 532 -3.25 -15.90 26.60
CA PRO B 532 -4.41 -15.64 25.73
C PRO B 532 -4.08 -14.97 24.39
N LEU B 533 -2.82 -14.95 23.97
CA LEU B 533 -2.44 -14.16 22.80
C LEU B 533 -3.07 -14.70 21.52
N ARG B 534 -2.96 -16.02 21.29
CA ARG B 534 -3.54 -16.61 20.09
C ARG B 534 -5.05 -16.45 20.05
N GLY B 535 -5.73 -16.63 21.18
CA GLY B 535 -7.16 -16.43 21.23
C GLY B 535 -7.58 -14.98 21.02
N TYR B 536 -6.71 -14.03 21.39
CA TYR B 536 -7.01 -12.63 21.11
C TYR B 536 -6.81 -12.29 19.64
N LEU B 537 -5.76 -12.83 19.02
CA LEU B 537 -5.57 -12.61 17.59
C LEU B 537 -6.68 -13.26 16.77
N ALA B 538 -7.14 -14.44 17.17
CA ALA B 538 -8.27 -15.07 16.50
C ALA B 538 -9.57 -14.30 16.71
N ALA B 539 -9.69 -13.57 17.82
CA ALA B 539 -10.88 -12.75 18.04
C ALA B 539 -10.89 -11.50 17.17
N GLY B 540 -9.71 -11.02 16.78
CA GLY B 540 -9.61 -9.80 16.00
C GLY B 540 -9.16 -8.64 16.84
N VAL B 541 -8.53 -8.94 17.97
CA VAL B 541 -8.10 -7.95 18.94
C VAL B 541 -6.74 -7.41 18.54
N ALA B 542 -6.57 -6.10 18.64
CA ALA B 542 -5.32 -5.45 18.31
C ALA B 542 -4.27 -5.69 19.39
N VAL B 543 -3.70 -6.88 19.42
CA VAL B 543 -2.74 -7.25 20.46
C VAL B 543 -1.41 -6.59 20.20
N THR B 544 -0.84 -5.98 21.23
CA THR B 544 0.49 -5.41 21.19
C THR B 544 1.36 -6.13 22.21
N LEU B 545 2.59 -6.43 21.84
CA LEU B 545 3.55 -7.06 22.73
C LEU B 545 4.58 -6.04 23.18
N ASN B 546 4.71 -5.89 24.49
CA ASN B 546 5.59 -4.90 25.08
C ASN B 546 6.32 -5.54 26.25
N THR B 547 7.22 -4.78 26.84
CA THR B 547 7.67 -5.05 28.20
C THR B 547 6.75 -4.34 29.18
N ASP B 548 7.12 -4.38 30.46
CA ASP B 548 6.70 -3.37 31.41
C ASP B 548 7.89 -2.65 32.01
N ASN B 549 8.84 -3.40 32.56
CA ASN B 549 10.00 -2.84 33.24
C ASN B 549 11.21 -3.60 32.69
N LEU B 550 12.02 -2.92 31.88
CA LEU B 550 13.16 -3.56 31.24
C LEU B 550 14.11 -4.13 32.29
N GLY B 551 14.22 -3.47 33.43
CA GLY B 551 15.08 -3.92 34.51
C GLY B 551 14.50 -5.00 35.38
N ILE B 552 13.27 -4.79 35.87
CA ILE B 552 12.66 -5.78 36.77
C ILE B 552 12.46 -7.10 36.04
N SER B 553 12.02 -7.06 34.78
CA SER B 553 11.85 -8.26 33.98
C SER B 553 13.17 -8.80 33.42
N GLN B 554 14.25 -8.01 33.48
CA GLN B 554 15.57 -8.44 33.03
C GLN B 554 15.55 -8.86 31.56
N ALA B 555 14.74 -8.15 30.77
CA ALA B 555 14.47 -8.58 29.41
C ALA B 555 14.25 -7.39 28.49
N SER B 556 14.59 -7.58 27.22
CA SER B 556 14.34 -6.64 26.14
C SER B 556 13.05 -7.02 25.39
N LEU B 557 12.71 -6.21 24.39
CA LEU B 557 11.49 -6.45 23.62
C LEU B 557 11.61 -7.67 22.72
N THR B 558 12.79 -7.89 22.12
CA THR B 558 12.97 -9.03 21.23
C THR B 558 12.83 -10.34 21.99
N ASP B 559 13.31 -10.41 23.22
CA ASP B 559 13.15 -11.61 24.02
C ASP B 559 11.68 -11.85 24.37
N ASN B 560 10.97 -10.76 24.63
CA ASN B 560 9.53 -10.86 24.88
C ASN B 560 8.80 -11.42 23.67
N LEU B 561 9.15 -10.96 22.46
CA LEU B 561 8.55 -11.55 21.27
C LEU B 561 8.98 -12.99 21.07
N LEU B 562 10.21 -13.32 21.46
CA LEU B 562 10.67 -14.70 21.35
C LEU B 562 9.89 -15.64 22.26
N LEU B 563 9.42 -15.16 23.40
CA LEU B 563 8.75 -16.07 24.33
C LEU B 563 7.39 -16.54 23.82
N THR B 564 6.77 -15.80 22.90
CA THR B 564 5.43 -16.10 22.44
C THR B 564 5.34 -17.48 21.80
N ALA B 565 6.47 -18.01 21.34
CA ALA B 565 6.50 -19.39 20.87
C ALA B 565 6.44 -20.39 22.01
N ARG B 566 6.91 -20.00 23.20
CA ARG B 566 6.83 -20.86 24.37
C ARG B 566 5.52 -20.70 25.13
N LEU B 567 4.98 -19.49 25.18
CA LEU B 567 3.71 -19.20 25.83
C LEU B 567 2.52 -19.60 24.98
N CYS B 568 2.62 -19.40 23.67
CA CYS B 568 1.57 -19.75 22.72
C CYS B 568 2.17 -20.65 21.65
N PRO B 569 2.16 -21.97 21.85
CA PRO B 569 2.78 -22.89 20.88
C PRO B 569 2.10 -22.79 19.53
N GLY B 570 2.89 -22.82 18.47
CA GLY B 570 2.38 -22.73 17.12
C GLY B 570 2.25 -21.33 16.59
N ILE B 571 2.61 -20.31 17.38
CA ILE B 571 2.52 -18.94 16.88
C ILE B 571 3.45 -18.78 15.69
N THR B 572 2.96 -18.14 14.65
CA THR B 572 3.72 -17.95 13.43
C THR B 572 4.46 -16.63 13.47
N ARG B 573 5.39 -16.48 12.53
CA ARG B 573 6.12 -15.24 12.39
C ARG B 573 5.27 -14.14 11.75
N LEU B 574 4.33 -14.53 10.89
CA LEU B 574 3.36 -13.57 10.38
C LEU B 574 2.53 -12.98 11.51
N GLU B 575 2.22 -13.78 12.54
CA GLU B 575 1.48 -13.25 13.68
C GLU B 575 2.31 -12.23 14.45
N VAL B 576 3.62 -12.42 14.52
CA VAL B 576 4.49 -11.42 15.13
C VAL B 576 4.47 -10.13 14.31
N LEU B 577 4.54 -10.25 12.99
CA LEU B 577 4.44 -9.06 12.13
C LEU B 577 3.11 -8.36 12.32
N LYS B 578 2.02 -9.13 12.43
CA LYS B 578 0.70 -8.57 12.68
C LYS B 578 0.65 -7.83 14.02
N THR B 579 1.31 -8.40 15.04
CA THR B 579 1.37 -7.73 16.33
C THR B 579 2.11 -6.40 16.23
N GLN B 580 3.22 -6.37 15.49
CA GLN B 580 3.91 -5.09 15.28
C GLN B 580 3.01 -4.10 14.55
N VAL B 581 2.23 -4.58 13.56
CA VAL B 581 1.32 -3.70 12.85
C VAL B 581 0.25 -3.14 13.79
N PHE B 582 -0.30 -3.98 14.67
CA PHE B 582 -1.28 -3.51 15.64
C PHE B 582 -0.65 -2.47 16.58
N ALA B 583 0.58 -2.71 17.01
CA ALA B 583 1.25 -1.75 17.88
C ALA B 583 1.46 -0.41 17.18
N ALA B 584 1.81 -0.45 15.90
CA ALA B 584 1.93 0.80 15.14
C ALA B 584 0.60 1.52 15.01
N GLN B 585 -0.45 0.77 14.71
CA GLN B 585 -1.77 1.39 14.53
C GLN B 585 -2.32 1.93 15.83
N ALA B 586 -1.95 1.34 16.97
CA ALA B 586 -2.48 1.72 18.26
C ALA B 586 -1.64 2.77 18.98
N ALA B 587 -0.48 3.11 18.46
CA ALA B 587 0.37 4.11 19.11
C ALA B 587 -0.31 5.47 19.07
N PHE B 588 -0.10 6.25 20.13
CA PHE B 588 -0.66 7.60 20.23
C PHE B 588 0.26 8.58 19.49
N ALA B 589 0.42 8.34 18.20
CA ALA B 589 1.31 9.09 17.33
C ALA B 589 0.51 9.97 16.37
N ASN B 590 1.06 11.13 16.04
CA ASN B 590 0.46 12.02 15.07
C ASN B 590 0.81 11.58 13.65
N GLN B 591 0.48 12.43 12.68
CA GLN B 591 0.63 12.07 11.27
C GLN B 591 2.07 11.82 10.89
N ALA B 592 2.97 12.75 11.20
CA ALA B 592 4.38 12.58 10.87
C ALA B 592 5.00 11.39 11.60
N GLU B 593 4.70 11.22 12.88
CA GLU B 593 5.22 10.09 13.63
C GLU B 593 4.72 8.78 13.06
N ARG B 594 3.43 8.73 12.69
CA ARG B 594 2.86 7.51 12.13
C ARG B 594 3.48 7.17 10.79
N LYS B 595 3.65 8.17 9.91
CA LYS B 595 4.26 7.89 8.61
C LYS B 595 5.70 7.45 8.77
N ALA B 596 6.45 8.08 9.69
CA ALA B 596 7.82 7.65 9.93
C ALA B 596 7.88 6.22 10.45
N LEU B 597 7.00 5.87 11.39
CA LEU B 597 7.00 4.53 11.96
C LEU B 597 6.61 3.49 10.91
N TRP B 598 5.61 3.78 10.09
CA TRP B 598 5.21 2.85 9.04
C TRP B 598 6.25 2.77 7.93
N ALA B 599 7.06 3.80 7.73
CA ALA B 599 8.21 3.70 6.85
C ALA B 599 9.30 2.82 7.43
N ARG B 600 9.48 2.86 8.75
CA ARG B 600 10.46 2.00 9.40
C ARG B 600 10.01 0.54 9.45
N LEU B 601 8.71 0.27 9.55
CA LEU B 601 8.22 -1.09 9.61
C LEU B 601 8.09 -1.74 8.23
N ALA B 602 8.17 -0.97 7.16
CA ALA B 602 8.24 -1.54 5.82
C ALA B 602 9.57 -2.22 5.56
N GLN B 603 10.58 -1.91 6.37
CA GLN B 603 11.90 -2.50 6.25
C GLN B 603 12.01 -3.76 7.12
N VAL B 604 11.10 -4.70 6.91
CA VAL B 604 11.14 -5.95 7.67
C VAL B 604 12.36 -6.77 7.22
N PRO B 605 13.19 -7.26 8.14
CA PRO B 605 14.36 -8.04 7.73
C PRO B 605 13.96 -9.29 6.95
N VAL B 606 14.75 -9.59 5.93
CA VAL B 606 14.53 -10.77 5.09
C VAL B 606 14.99 -12.00 5.87
N PRO B 607 14.26 -13.12 5.81
CA PRO B 607 14.74 -14.33 6.48
C PRO B 607 16.01 -14.85 5.82
N THR B 608 17.00 -15.18 6.65
CA THR B 608 18.27 -15.72 6.16
C THR B 608 18.25 -17.24 6.22
N ASP B 609 17.26 -17.81 5.56
CA ASP B 609 17.08 -19.26 5.51
C ASP B 609 16.05 -19.66 4.45
#